data_4O6M
#
_entry.id   4O6M
#
_cell.length_a   46.363
_cell.length_b   91.148
_cell.length_c   107.023
_cell.angle_alpha   90.00
_cell.angle_beta   92.05
_cell.angle_gamma   90.00
#
_symmetry.space_group_name_H-M   'P 1 21 1'
#
loop_
_entity.id
_entity.type
_entity.pdbx_description
1 polymer 'AF2299, a CDP-alcohol phosphotransferase'
2 non-polymer 'CALCIUM ION'
3 non-polymer '[(Z)-octadec-9-enyl] (2R)-2,3-bis(oxidanyl)propanoate'
4 non-polymer 'SULFATE ION'
5 non-polymer "CYTIDINE-5'-MONOPHOSPHATE"
6 water water
#
_entity_poly.entity_id   1
_entity_poly.type   'polypeptide(L)'
_entity_poly.pdbx_seq_one_letter_code
;MHHHHHHHHHHSSGVDLGTENLYFQSNAMRLAYVKNHEIYGEKLLGLTLRERIEKTLQRAGFDVRFFDELSLEEAEDYLI
ILEPVLILERDLLLEGRKILVSDGFTVGYFFGGDFRTVFDGNLQSSIEKYLSLNNLESYEIWAIKLSNDNLKTAEKLLLS
SLIKAKRTGLKPAYYDGWIAREINRKVSLRISRLLADTSVTPNQITVFSFFLSLVGSALFLLNSYLTTLLAGVIIQLHSI
IDGCDGEIARLKFMESKYGAWLDGVLDRYSDFIIVFSITYVLSASNPVYWIIGFLAAFASLMIAYTGDKFVAAYMRTYSP
EGFAIPITRDFRLLIIFACSVVNLPSLALVIIALLGNFEALRRIVALRSYTN
;
_entity_poly.pdbx_strand_id   A,B
#
# COMPACT_ATOMS: atom_id res chain seq x y z
N MET A 29 -2.05 29.78 1.53
CA MET A 29 -0.56 29.92 1.50
C MET A 29 -0.04 30.37 2.86
N ARG A 30 1.09 29.79 3.25
CA ARG A 30 1.72 30.06 4.54
C ARG A 30 3.16 30.50 4.31
N LEU A 31 3.56 31.59 4.94
CA LEU A 31 4.90 32.14 4.73
C LEU A 31 5.83 31.91 5.91
N ALA A 32 7.01 31.38 5.60
CA ALA A 32 8.07 31.23 6.58
C ALA A 32 9.15 32.26 6.30
N TYR A 33 9.31 33.21 7.22
CA TYR A 33 10.36 34.22 7.12
C TYR A 33 11.58 33.82 7.93
N VAL A 34 12.71 33.69 7.24
CA VAL A 34 13.93 33.20 7.85
C VAL A 34 15.01 34.26 7.75
N LYS A 35 15.50 34.77 8.88
CA LYS A 35 16.53 35.80 8.83
C LYS A 35 17.85 35.22 8.36
N ASN A 36 18.50 35.95 7.46
CA ASN A 36 19.81 35.54 6.95
C ASN A 36 20.86 35.47 8.06
N HIS A 37 21.74 34.48 7.93
CA HIS A 37 22.92 34.36 8.77
C HIS A 37 23.99 33.71 7.92
N GLU A 38 25.24 34.15 8.09
CA GLU A 38 26.32 33.64 7.26
C GLU A 38 26.51 32.14 7.48
N ILE A 39 26.08 31.64 8.63
CA ILE A 39 26.29 30.23 8.96
C ILE A 39 25.45 29.33 8.05
N TYR A 40 24.37 29.87 7.49
CA TYR A 40 23.53 29.11 6.57
C TYR A 40 24.28 28.71 5.29
N GLY A 41 25.40 29.36 5.03
CA GLY A 41 26.16 29.10 3.82
C GLY A 41 27.05 27.86 3.90
N GLU A 42 27.26 27.35 5.10
CA GLU A 42 28.11 26.18 5.29
C GLU A 42 27.38 24.92 4.86
N LYS A 43 28.10 23.99 4.24
CA LYS A 43 27.49 22.74 3.80
C LYS A 43 27.53 21.71 4.92
N LEU A 44 26.39 21.05 5.12
CA LEU A 44 26.29 19.97 6.08
C LEU A 44 25.73 18.72 5.40
N LEU A 45 26.60 17.73 5.22
CA LEU A 45 26.23 16.46 4.60
C LEU A 45 25.56 16.66 3.25
N GLY A 46 26.24 17.38 2.36
CA GLY A 46 25.85 17.46 0.96
C GLY A 46 24.95 18.63 0.58
N LEU A 47 24.44 19.36 1.56
CA LEU A 47 23.55 20.49 1.30
C LEU A 47 23.92 21.66 2.21
N THR A 48 23.69 22.88 1.73
CA THR A 48 23.89 24.04 2.60
C THR A 48 22.82 24.03 3.67
N LEU A 49 23.13 24.63 4.81
CA LEU A 49 22.15 24.73 5.90
C LEU A 49 20.98 25.59 5.46
N ARG A 50 21.22 26.49 4.51
CA ARG A 50 20.16 27.27 3.88
C ARG A 50 19.18 26.36 3.14
N GLU A 51 19.72 25.49 2.30
CA GLU A 51 18.89 24.56 1.51
C GLU A 51 18.15 23.60 2.43
N ARG A 52 18.79 23.22 3.53
CA ARG A 52 18.16 22.33 4.50
C ARG A 52 16.93 22.94 5.18
N ILE A 53 17.06 24.16 5.72
CA ILE A 53 15.90 24.76 6.37
C ILE A 53 14.83 25.08 5.32
N GLU A 54 15.27 25.50 4.13
CA GLU A 54 14.32 25.77 3.05
C GLU A 54 13.48 24.54 2.71
N LYS A 55 14.14 23.42 2.48
CA LYS A 55 13.44 22.20 2.05
C LYS A 55 12.57 21.64 3.16
N THR A 56 13.04 21.72 4.40
CA THR A 56 12.25 21.24 5.51
C THR A 56 10.96 22.05 5.65
N LEU A 57 11.07 23.37 5.53
CA LEU A 57 9.91 24.23 5.69
C LEU A 57 8.96 24.10 4.50
N GLN A 58 9.50 23.86 3.32
CA GLN A 58 8.67 23.58 2.15
C GLN A 58 7.90 22.28 2.32
N ARG A 59 8.59 21.23 2.73
CA ARG A 59 7.95 19.94 3.03
C ARG A 59 6.79 20.13 4.00
N ALA A 60 6.98 21.06 4.94
CA ALA A 60 5.97 21.33 5.96
C ALA A 60 4.87 22.25 5.43
N GLY A 61 4.96 22.64 4.16
CA GLY A 61 3.90 23.38 3.50
C GLY A 61 4.01 24.89 3.55
N PHE A 62 5.23 25.40 3.77
CA PHE A 62 5.46 26.84 3.81
C PHE A 62 6.21 27.34 2.57
N ASP A 63 5.85 28.53 2.09
CA ASP A 63 6.69 29.28 1.16
C ASP A 63 7.75 30.04 1.95
N VAL A 64 8.99 29.96 1.51
CA VAL A 64 10.11 30.48 2.29
C VAL A 64 10.56 31.85 1.78
N ARG A 65 10.88 32.73 2.73
CA ARG A 65 11.43 34.04 2.44
C ARG A 65 12.63 34.31 3.35
N PHE A 66 13.82 34.37 2.77
CA PHE A 66 14.98 34.79 3.52
C PHE A 66 15.04 36.33 3.54
N PHE A 67 15.44 36.92 4.67
CA PHE A 67 15.41 38.39 4.81
C PHE A 67 16.48 38.96 5.74
N ASP A 68 16.88 40.20 5.45
CA ASP A 68 17.66 41.02 6.37
C ASP A 68 16.70 41.97 7.10
N GLU A 69 15.90 42.68 6.31
CA GLU A 69 14.79 43.48 6.83
C GLU A 69 13.49 42.86 6.35
N LEU A 70 12.55 42.64 7.28
CA LEU A 70 11.31 41.95 6.93
C LEU A 70 10.28 42.85 6.27
N SER A 71 9.76 42.39 5.14
CA SER A 71 8.62 43.01 4.47
C SER A 71 7.49 42.00 4.42
N LEU A 72 6.37 42.32 5.05
CA LEU A 72 5.30 41.35 5.25
C LEU A 72 4.35 41.25 4.07
N GLU A 73 4.11 40.02 3.64
CA GLU A 73 3.18 39.72 2.56
C GLU A 73 1.98 39.01 3.15
N GLU A 74 0.90 38.90 2.38
CA GLU A 74 -0.33 38.31 2.90
C GLU A 74 -0.23 36.78 2.94
N ALA A 75 -0.75 36.21 4.03
CA ALA A 75 -0.77 34.77 4.19
C ALA A 75 -1.73 34.41 5.33
N GLU A 76 -2.12 33.15 5.40
CA GLU A 76 -2.96 32.69 6.50
C GLU A 76 -2.15 32.62 7.79
N ASP A 77 -0.90 32.19 7.65
CA ASP A 77 -0.02 31.92 8.78
C ASP A 77 1.37 32.50 8.56
N TYR A 78 2.05 32.85 9.64
CA TYR A 78 3.43 33.30 9.55
C TYR A 78 4.34 32.52 10.49
N LEU A 79 5.45 32.02 9.93
CA LEU A 79 6.49 31.40 10.72
C LEU A 79 7.71 32.29 10.62
N ILE A 80 8.26 32.71 11.77
CA ILE A 80 9.41 33.59 11.79
C ILE A 80 10.55 32.96 12.58
N ILE A 81 11.71 32.92 11.95
CA ILE A 81 12.90 32.29 12.52
C ILE A 81 14.06 33.29 12.48
N LEU A 82 14.46 33.75 13.66
CA LEU A 82 15.44 34.83 13.76
C LEU A 82 16.86 34.31 13.92
N GLU A 83 17.01 33.21 14.65
CA GLU A 83 18.33 32.65 14.92
C GLU A 83 18.64 31.48 13.98
N PRO A 84 19.91 31.32 13.59
CA PRO A 84 20.24 30.22 12.68
C PRO A 84 19.99 28.86 13.31
N VAL A 85 19.18 28.04 12.66
CA VAL A 85 18.80 26.74 13.23
C VAL A 85 18.83 25.62 12.18
N LEU A 86 19.12 24.41 12.64
CA LEU A 86 18.93 23.20 11.87
C LEU A 86 17.74 22.45 12.44
N ILE A 87 16.71 22.30 11.63
CA ILE A 87 15.51 21.57 12.03
C ILE A 87 15.68 20.09 11.74
N LEU A 88 15.48 19.25 12.75
CA LEU A 88 15.76 17.82 12.66
C LEU A 88 14.49 17.00 12.48
N GLU A 89 13.36 17.52 12.96
CA GLU A 89 12.08 16.85 12.72
C GLU A 89 11.75 16.85 11.24
N ARG A 90 11.16 15.75 10.76
CA ARG A 90 10.87 15.56 9.34
C ARG A 90 9.40 15.80 9.01
N ASP A 91 8.51 15.62 9.98
CA ASP A 91 7.08 15.76 9.76
C ASP A 91 6.49 16.84 10.65
N LEU A 92 7.07 18.04 10.57
CA LEU A 92 6.65 19.18 11.37
C LEU A 92 5.21 19.58 11.08
N LEU A 93 4.43 19.77 12.13
CA LEU A 93 3.03 20.20 11.98
C LEU A 93 2.74 21.40 12.86
N LEU A 94 2.23 22.46 12.24
CA LEU A 94 1.96 23.72 12.93
C LEU A 94 0.51 24.14 12.74
N GLU A 95 -0.30 23.84 13.76
CA GLU A 95 -1.71 24.18 13.76
C GLU A 95 -2.00 25.06 14.97
N GLY A 96 -2.27 26.33 14.70
CA GLY A 96 -2.55 27.30 15.74
C GLY A 96 -1.28 27.98 16.20
N ARG A 97 -1.40 29.24 16.59
CA ARG A 97 -0.28 30.07 17.02
C ARG A 97 0.47 29.50 18.23
N LYS A 98 1.79 29.46 18.12
CA LYS A 98 2.67 28.87 19.13
C LYS A 98 4.04 29.52 19.09
N ILE A 99 4.82 29.35 20.15
CA ILE A 99 6.25 29.62 20.12
C ILE A 99 6.97 28.28 20.03
N LEU A 100 7.91 28.19 19.10
CA LEU A 100 8.64 26.95 18.87
C LEU A 100 9.88 26.93 19.74
N VAL A 101 10.06 25.86 20.52
CA VAL A 101 11.23 25.76 21.39
C VAL A 101 11.95 24.42 21.26
N SER A 102 13.24 24.44 21.54
CA SER A 102 14.05 23.23 21.62
C SER A 102 14.81 23.28 22.92
N ASP A 103 14.44 22.39 23.85
CA ASP A 103 15.02 22.40 25.19
C ASP A 103 14.96 23.79 25.79
N GLY A 104 13.75 24.36 25.83
CA GLY A 104 13.51 25.65 26.44
C GLY A 104 13.93 26.85 25.60
N PHE A 105 14.82 26.64 24.63
CA PHE A 105 15.26 27.75 23.78
C PHE A 105 14.31 27.98 22.63
N THR A 106 13.96 29.26 22.43
CA THR A 106 13.03 29.64 21.38
C THR A 106 13.67 29.46 20.01
N VAL A 107 13.04 28.62 19.19
CA VAL A 107 13.52 28.33 17.84
C VAL A 107 12.90 29.30 16.84
N GLY A 108 11.61 29.55 17.00
CA GLY A 108 10.91 30.45 16.10
C GLY A 108 9.53 30.84 16.61
N TYR A 109 8.90 31.75 15.90
CA TYR A 109 7.56 32.22 16.24
C TYR A 109 6.57 31.80 15.17
N PHE A 110 5.48 31.18 15.60
CA PHE A 110 4.39 30.83 14.70
C PHE A 110 3.17 31.69 15.02
N PHE A 111 2.98 32.75 14.24
CA PHE A 111 1.89 33.71 14.45
C PHE A 111 0.73 33.49 13.50
N GLY A 112 -0.45 33.95 13.90
CA GLY A 112 -1.63 33.88 13.07
C GLY A 112 -1.64 34.98 12.02
N GLY A 113 -2.62 34.92 11.12
CA GLY A 113 -2.76 35.92 10.09
C GLY A 113 -2.95 37.32 10.66
N ASP A 114 -3.55 37.40 11.83
CA ASP A 114 -3.82 38.69 12.47
C ASP A 114 -2.54 39.45 12.81
N PHE A 115 -1.38 38.81 12.63
CA PHE A 115 -0.10 39.49 12.81
C PHE A 115 0.00 40.68 11.86
N ARG A 116 -0.72 40.62 10.76
CA ARG A 116 -0.78 41.73 9.82
C ARG A 116 -1.34 42.97 10.51
N THR A 117 -2.37 42.76 11.32
CA THR A 117 -3.04 43.88 11.98
C THR A 117 -2.12 44.54 13.02
N VAL A 118 -1.03 43.87 13.38
CA VAL A 118 -0.10 44.36 14.41
C VAL A 118 1.21 44.92 13.82
N PHE A 119 1.64 44.39 12.68
CA PHE A 119 2.99 44.67 12.16
C PHE A 119 3.17 46.13 11.73
N ASP A 120 4.18 46.79 12.29
CA ASP A 120 4.38 48.23 12.11
C ASP A 120 5.65 48.58 11.33
N GLY A 121 6.28 47.60 10.70
CA GLY A 121 7.47 47.84 9.90
C GLY A 121 8.77 47.61 10.66
N ASN A 122 8.67 47.57 11.98
CA ASN A 122 9.80 47.18 12.81
C ASN A 122 9.51 45.80 13.39
N LEU A 123 10.33 44.82 13.00
CA LEU A 123 10.08 43.45 13.40
C LEU A 123 10.14 43.28 14.93
N GLN A 124 11.23 43.75 15.51
CA GLN A 124 11.46 43.63 16.95
C GLN A 124 10.25 44.15 17.74
N SER A 125 9.85 45.38 17.45
CA SER A 125 8.69 45.99 18.09
C SER A 125 7.39 45.22 17.86
N SER A 126 7.17 44.76 16.64
CA SER A 126 5.92 44.09 16.28
C SER A 126 5.79 42.75 16.98
N ILE A 127 6.92 42.05 17.13
CA ILE A 127 6.94 40.79 17.87
C ILE A 127 6.57 41.07 19.33
N GLU A 128 7.19 42.09 19.91
CA GLU A 128 6.90 42.48 21.28
C GLU A 128 5.41 42.75 21.44
N LYS A 129 4.85 43.53 20.52
CA LYS A 129 3.44 43.88 20.57
C LYS A 129 2.55 42.65 20.41
N TYR A 130 2.86 41.82 19.42
CA TYR A 130 2.01 40.66 19.14
C TYR A 130 2.00 39.69 20.32
N LEU A 131 3.16 39.55 20.95
CA LEU A 131 3.27 38.64 22.10
C LEU A 131 2.56 39.20 23.34
N SER A 132 2.44 40.51 23.45
CA SER A 132 1.75 41.11 24.59
C SER A 132 0.23 40.97 24.44
N LEU A 133 -0.25 40.89 23.20
CA LEU A 133 -1.68 40.74 22.94
C LEU A 133 -2.11 39.27 23.06
N ASN A 134 -1.14 38.37 23.01
CA ASN A 134 -1.41 36.94 23.01
C ASN A 134 -0.74 36.23 24.18
N ASN A 135 -1.22 35.04 24.51
CA ASN A 135 -0.57 34.19 25.50
C ASN A 135 -0.18 32.87 24.84
N LEU A 136 0.90 32.91 24.06
CA LEU A 136 1.31 31.77 23.24
C LEU A 136 1.91 30.63 24.06
N GLU A 137 1.39 29.43 23.85
CA GLU A 137 1.95 28.22 24.43
C GLU A 137 3.25 27.86 23.73
N SER A 138 4.16 27.21 24.46
CA SER A 138 5.41 26.75 23.88
C SER A 138 5.20 25.38 23.24
N TYR A 139 5.88 25.13 22.14
CA TYR A 139 5.72 23.89 21.39
C TYR A 139 7.10 23.31 21.09
N GLU A 140 7.32 22.08 21.55
CA GLU A 140 8.65 21.47 21.49
C GLU A 140 8.89 20.84 20.12
N ILE A 141 9.95 21.28 19.46
CA ILE A 141 10.38 20.67 18.21
C ILE A 141 11.84 20.27 18.30
N TRP A 142 12.23 19.22 17.58
CA TRP A 142 13.61 18.79 17.58
C TRP A 142 14.40 19.67 16.60
N ALA A 143 15.29 20.48 17.15
CA ALA A 143 16.10 21.39 16.36
C ALA A 143 17.34 21.73 17.16
N ILE A 144 18.36 22.25 16.49
CA ILE A 144 19.57 22.68 17.17
C ILE A 144 20.01 24.04 16.65
N LYS A 145 20.26 24.94 17.58
CA LYS A 145 20.69 26.29 17.26
C LYS A 145 22.12 26.27 16.78
N LEU A 146 22.36 26.87 15.62
CA LEU A 146 23.64 26.76 14.94
C LEU A 146 24.65 27.83 15.33
N SER A 147 25.88 27.39 15.56
CA SER A 147 27.01 28.27 15.75
C SER A 147 28.21 27.62 15.08
N ASN A 148 29.28 28.38 14.86
CA ASN A 148 30.49 27.82 14.26
C ASN A 148 31.08 26.73 15.14
N ASP A 149 30.68 26.70 16.41
CA ASP A 149 31.22 25.76 17.39
C ASP A 149 30.69 24.33 17.22
N ASN A 150 29.39 24.20 17.04
CA ASN A 150 28.73 22.90 17.19
C ASN A 150 28.27 22.26 15.87
N LEU A 151 28.97 22.55 14.78
CA LEU A 151 28.60 21.98 13.48
C LEU A 151 28.93 20.49 13.41
N LYS A 152 29.98 20.08 14.10
CA LYS A 152 30.29 18.66 14.22
C LYS A 152 29.17 17.96 14.95
N THR A 153 28.65 18.62 15.98
CA THR A 153 27.53 18.10 16.76
C THR A 153 26.26 18.09 15.91
N ALA A 154 26.10 19.12 15.08
CA ALA A 154 24.96 19.19 14.16
C ALA A 154 24.97 18.01 13.19
N GLU A 155 26.15 17.67 12.67
CA GLU A 155 26.29 16.56 11.74
C GLU A 155 25.87 15.26 12.41
N LYS A 156 26.36 15.04 13.63
CA LYS A 156 26.05 13.83 14.38
C LYS A 156 24.56 13.69 14.65
N LEU A 157 23.95 14.77 15.11
CA LEU A 157 22.53 14.77 15.40
C LEU A 157 21.71 14.56 14.14
N LEU A 158 22.13 15.17 13.05
CA LEU A 158 21.42 15.01 11.78
C LEU A 158 21.48 13.56 11.31
N LEU A 159 22.66 12.95 11.38
CA LEU A 159 22.82 11.54 11.03
C LEU A 159 21.94 10.66 11.92
N SER A 160 21.92 10.97 13.21
CA SER A 160 21.11 10.24 14.17
C SER A 160 19.60 10.37 13.91
N SER A 161 19.20 11.46 13.24
CA SER A 161 17.79 11.70 12.97
C SER A 161 17.27 10.92 11.77
N LEU A 162 18.15 10.22 11.08
CA LEU A 162 17.76 9.49 9.87
C LEU A 162 17.17 8.14 10.27
N ILE A 163 15.97 8.19 10.85
CA ILE A 163 15.28 7.00 11.32
C ILE A 163 16.11 6.27 12.38
N ASP A 176 14.51 -2.63 8.54
CA ASP A 176 13.88 -3.95 8.45
C ASP A 176 13.67 -4.62 9.80
N GLY A 177 14.45 -4.22 10.82
CA GLY A 177 14.32 -4.81 12.13
C GLY A 177 15.37 -4.36 13.16
N TRP A 178 15.40 -5.03 14.30
CA TRP A 178 16.28 -4.68 15.40
C TRP A 178 17.77 -4.79 15.05
N ILE A 179 18.14 -5.81 14.28
CA ILE A 179 19.52 -5.92 13.82
C ILE A 179 19.86 -4.74 12.92
N ALA A 180 18.95 -4.44 12.00
CA ALA A 180 19.17 -3.33 11.09
C ALA A 180 19.38 -2.05 11.87
N ARG A 181 18.44 -1.77 12.77
CA ARG A 181 18.43 -0.50 13.51
C ARG A 181 19.58 -0.33 14.50
N GLU A 182 19.91 -1.40 15.22
CA GLU A 182 20.82 -1.30 16.36
C GLU A 182 22.24 -1.78 16.08
N ILE A 183 22.43 -2.58 15.03
CA ILE A 183 23.76 -3.07 14.64
C ILE A 183 24.19 -2.46 13.31
N ASN A 184 23.44 -2.74 12.25
CA ASN A 184 23.84 -2.35 10.90
C ASN A 184 23.92 -0.82 10.76
N ARG A 185 23.01 -0.08 11.40
CA ARG A 185 22.98 1.38 11.25
C ARG A 185 24.28 2.05 11.69
N LYS A 186 24.96 1.45 12.66
CA LYS A 186 26.22 1.99 13.14
C LYS A 186 27.24 2.08 12.01
N VAL A 187 27.23 1.08 11.13
CA VAL A 187 28.15 1.08 9.98
C VAL A 187 27.57 1.90 8.82
N SER A 188 26.29 1.72 8.51
CA SER A 188 25.72 2.33 7.31
C SER A 188 25.69 3.87 7.39
N LEU A 189 25.41 4.41 8.58
CA LEU A 189 25.44 5.85 8.76
C LEU A 189 26.83 6.41 8.47
N ARG A 190 27.85 5.66 8.82
CA ARG A 190 29.23 6.09 8.58
C ARG A 190 29.56 6.06 7.10
N ILE A 191 28.97 5.11 6.38
CA ILE A 191 29.12 5.04 4.93
C ILE A 191 28.31 6.15 4.28
N SER A 192 27.10 6.36 4.77
CA SER A 192 26.21 7.38 4.23
C SER A 192 26.78 8.79 4.45
N ARG A 193 27.47 8.97 5.57
CA ARG A 193 28.17 10.23 5.83
C ARG A 193 29.11 10.58 4.69
N LEU A 194 29.83 9.58 4.18
CA LEU A 194 30.78 9.79 3.08
C LEU A 194 30.08 9.94 1.72
N LEU A 195 28.99 9.21 1.51
CA LEU A 195 28.27 9.28 0.24
C LEU A 195 27.51 10.60 0.12
N ALA A 196 27.17 11.22 1.25
CA ALA A 196 26.35 12.43 1.23
C ALA A 196 27.05 13.56 0.47
N ASP A 197 28.38 13.55 0.47
CA ASP A 197 29.16 14.58 -0.20
C ASP A 197 29.50 14.19 -1.64
N THR A 198 28.75 13.24 -2.20
CA THR A 198 28.90 12.83 -3.59
C THR A 198 27.56 13.01 -4.29
N SER A 199 27.49 12.67 -5.56
CA SER A 199 26.24 12.77 -6.32
C SER A 199 25.43 11.48 -6.31
N VAL A 200 25.83 10.51 -5.49
CA VAL A 200 25.14 9.21 -5.47
C VAL A 200 23.69 9.33 -5.00
N THR A 201 22.80 8.69 -5.74
CA THR A 201 21.36 8.72 -5.44
C THR A 201 20.93 7.46 -4.69
N PRO A 202 19.78 7.52 -4.01
CA PRO A 202 19.25 6.30 -3.37
C PRO A 202 19.09 5.14 -4.35
N ASN A 203 18.58 5.41 -5.54
CA ASN A 203 18.37 4.35 -6.52
C ASN A 203 19.69 3.68 -6.94
N GLN A 204 20.75 4.46 -7.07
CA GLN A 204 22.07 3.91 -7.38
C GLN A 204 22.57 2.99 -6.27
N ILE A 205 22.35 3.38 -5.02
CA ILE A 205 22.72 2.55 -3.88
C ILE A 205 21.90 1.25 -3.87
N THR A 206 20.61 1.36 -4.12
CA THR A 206 19.74 0.20 -4.19
C THR A 206 20.20 -0.80 -5.25
N VAL A 207 20.56 -0.31 -6.42
CA VAL A 207 21.00 -1.18 -7.51
C VAL A 207 22.37 -1.79 -7.20
N PHE A 208 23.27 -0.98 -6.62
CA PHE A 208 24.59 -1.49 -6.23
C PHE A 208 24.44 -2.56 -5.16
N SER A 209 23.55 -2.32 -4.20
CA SER A 209 23.27 -3.29 -3.16
C SER A 209 22.77 -4.62 -3.75
N PHE A 210 21.86 -4.53 -4.72
CA PHE A 210 21.37 -5.71 -5.41
C PHE A 210 22.52 -6.47 -6.09
N PHE A 211 23.40 -5.73 -6.75
CA PHE A 211 24.57 -6.32 -7.39
C PHE A 211 25.47 -7.07 -6.41
N LEU A 212 25.65 -6.52 -5.21
CA LEU A 212 26.42 -7.21 -4.18
C LEU A 212 25.79 -8.55 -3.81
N SER A 213 24.46 -8.60 -3.77
CA SER A 213 23.78 -9.84 -3.40
C SER A 213 24.03 -10.89 -4.48
N LEU A 214 24.15 -10.44 -5.74
CA LEU A 214 24.48 -11.34 -6.84
C LEU A 214 25.91 -11.85 -6.75
N VAL A 215 26.83 -10.99 -6.35
CA VAL A 215 28.21 -11.41 -6.14
C VAL A 215 28.26 -12.48 -5.06
N GLY A 216 27.53 -12.25 -3.96
CA GLY A 216 27.48 -13.22 -2.88
C GLY A 216 26.92 -14.55 -3.33
N SER A 217 25.83 -14.48 -4.11
CA SER A 217 25.19 -15.68 -4.64
C SER A 217 26.14 -16.46 -5.55
N ALA A 218 26.87 -15.75 -6.39
CA ALA A 218 27.84 -16.38 -7.29
C ALA A 218 28.93 -17.08 -6.48
N LEU A 219 29.33 -16.48 -5.36
CA LEU A 219 30.36 -17.06 -4.53
C LEU A 219 29.87 -18.37 -3.89
N PHE A 220 28.61 -18.41 -3.47
CA PHE A 220 28.04 -19.67 -2.98
C PHE A 220 28.15 -20.76 -4.03
N LEU A 221 27.92 -20.41 -5.29
CA LEU A 221 27.93 -21.41 -6.36
C LEU A 221 29.29 -22.08 -6.58
N LEU A 222 30.36 -21.43 -6.16
CA LEU A 222 31.71 -21.97 -6.40
C LEU A 222 32.02 -23.14 -5.47
N ASN A 223 31.20 -23.32 -4.46
CA ASN A 223 31.20 -24.53 -3.65
C ASN A 223 32.53 -24.86 -2.99
N SER A 224 33.02 -23.94 -2.17
CA SER A 224 34.18 -24.21 -1.33
C SER A 224 34.00 -23.41 -0.06
N TYR A 225 34.67 -23.81 1.02
CA TYR A 225 34.50 -23.08 2.27
C TYR A 225 34.90 -21.63 2.10
N LEU A 226 36.06 -21.39 1.49
CA LEU A 226 36.57 -20.04 1.30
C LEU A 226 35.53 -19.15 0.62
N THR A 227 34.94 -19.63 -0.46
CA THR A 227 34.00 -18.81 -1.22
C THR A 227 32.65 -18.73 -0.49
N THR A 228 32.34 -19.74 0.32
CA THR A 228 31.13 -19.72 1.14
C THR A 228 31.28 -18.69 2.26
N LEU A 229 32.47 -18.65 2.87
CA LEU A 229 32.80 -17.64 3.86
C LEU A 229 32.72 -16.24 3.26
N LEU A 230 33.33 -16.06 2.10
CA LEU A 230 33.30 -14.76 1.42
C LEU A 230 31.87 -14.39 1.06
N ALA A 231 31.08 -15.37 0.65
CA ALA A 231 29.68 -15.14 0.30
C ALA A 231 28.94 -14.61 1.51
N GLY A 232 29.15 -15.25 2.65
CA GLY A 232 28.52 -14.82 3.89
C GLY A 232 28.87 -13.38 4.24
N VAL A 233 30.15 -13.04 4.15
CA VAL A 233 30.60 -11.68 4.44
C VAL A 233 29.93 -10.67 3.50
N ILE A 234 29.91 -10.99 2.21
CA ILE A 234 29.34 -10.08 1.24
C ILE A 234 27.83 -9.96 1.42
N ILE A 235 27.17 -11.03 1.86
CA ILE A 235 25.72 -10.94 2.10
C ILE A 235 25.46 -10.01 3.29
N GLN A 236 26.30 -10.06 4.33
CA GLN A 236 26.11 -9.17 5.46
C GLN A 236 26.47 -7.71 5.08
N LEU A 237 27.48 -7.55 4.23
CA LEU A 237 27.82 -6.24 3.70
C LEU A 237 26.64 -5.66 2.91
N HIS A 238 26.03 -6.50 2.09
CA HIS A 238 24.83 -6.16 1.35
C HIS A 238 23.73 -5.70 2.30
N SER A 239 23.52 -6.44 3.39
CA SER A 239 22.52 -6.07 4.39
C SER A 239 22.77 -4.67 4.97
N ILE A 240 24.02 -4.39 5.31
CA ILE A 240 24.40 -3.09 5.85
C ILE A 240 24.17 -1.98 4.83
N ILE A 241 24.75 -2.14 3.65
CA ILE A 241 24.70 -1.12 2.62
C ILE A 241 23.28 -0.85 2.13
N ASP A 242 22.43 -1.87 2.19
CA ASP A 242 21.06 -1.71 1.72
C ASP A 242 20.29 -0.66 2.52
N GLY A 243 20.76 -0.37 3.73
CA GLY A 243 20.17 0.67 4.54
C GLY A 243 20.61 2.09 4.16
N CYS A 244 21.67 2.19 3.36
CA CYS A 244 22.19 3.50 2.98
C CYS A 244 21.25 4.23 2.02
N ASP A 245 20.47 3.50 1.25
CA ASP A 245 19.61 4.15 0.26
C ASP A 245 18.57 5.01 0.99
N GLY A 246 18.01 4.50 2.08
CA GLY A 246 17.05 5.23 2.87
C GLY A 246 17.67 6.39 3.63
N GLU A 247 18.86 6.17 4.17
CA GLU A 247 19.62 7.22 4.86
C GLU A 247 19.93 8.40 3.95
N ILE A 248 20.48 8.10 2.77
CA ILE A 248 20.80 9.14 1.79
C ILE A 248 19.53 9.83 1.26
N ALA A 249 18.46 9.07 1.10
CA ALA A 249 17.20 9.63 0.61
C ALA A 249 16.68 10.72 1.55
N ARG A 250 16.69 10.42 2.85
CA ARG A 250 16.20 11.35 3.85
C ARG A 250 17.18 12.51 4.07
N LEU A 251 18.47 12.19 4.01
CA LEU A 251 19.52 13.15 4.29
C LEU A 251 19.62 14.23 3.21
N LYS A 252 19.32 13.84 1.98
CA LYS A 252 19.41 14.73 0.82
C LYS A 252 18.05 15.07 0.21
N PHE A 253 16.98 14.74 0.92
CA PHE A 253 15.62 15.00 0.46
C PHE A 253 15.40 14.38 -0.92
N MET A 254 15.84 13.15 -1.11
CA MET A 254 15.73 12.48 -2.40
C MET A 254 14.82 11.25 -2.35
N GLU A 255 13.88 11.25 -1.42
CA GLU A 255 12.93 10.15 -1.32
C GLU A 255 12.04 10.13 -2.56
N SER A 256 11.69 8.94 -3.02
CA SER A 256 10.73 8.82 -4.11
C SER A 256 9.93 7.52 -3.94
N LYS A 257 8.72 7.51 -4.48
CA LYS A 257 7.86 6.33 -4.45
C LYS A 257 8.50 5.17 -5.21
N TYR A 258 9.06 5.45 -6.38
CA TYR A 258 9.71 4.43 -7.18
C TYR A 258 10.90 3.85 -6.46
N GLY A 259 11.65 4.70 -5.77
CA GLY A 259 12.79 4.26 -4.99
C GLY A 259 12.42 3.26 -3.91
N ALA A 260 11.32 3.53 -3.21
CA ALA A 260 10.82 2.65 -2.18
C ALA A 260 10.31 1.34 -2.79
N TRP A 261 9.62 1.45 -3.92
CA TRP A 261 9.12 0.27 -4.63
C TRP A 261 10.29 -0.58 -5.11
N LEU A 262 11.27 0.06 -5.76
CA LEU A 262 12.39 -0.66 -6.33
C LEU A 262 13.21 -1.41 -5.27
N ASP A 263 13.44 -0.78 -4.13
CA ASP A 263 14.25 -1.43 -3.09
C ASP A 263 13.57 -2.71 -2.63
N GLY A 264 12.25 -2.63 -2.40
CA GLY A 264 11.49 -3.79 -1.97
C GLY A 264 11.53 -4.92 -2.99
N VAL A 265 11.32 -4.57 -4.25
CA VAL A 265 11.30 -5.55 -5.33
C VAL A 265 12.67 -6.24 -5.47
N LEU A 266 13.74 -5.47 -5.52
CA LEU A 266 15.06 -6.07 -5.69
C LEU A 266 15.46 -6.88 -4.44
N ASP A 267 14.96 -6.49 -3.28
CA ASP A 267 15.26 -7.26 -2.07
C ASP A 267 14.60 -8.66 -2.16
N ARG A 268 13.42 -8.73 -2.76
CA ARG A 268 12.78 -10.02 -3.03
C ARG A 268 13.63 -10.85 -4.01
N TYR A 269 14.12 -10.22 -5.08
CA TYR A 269 15.01 -10.90 -6.02
C TYR A 269 16.25 -11.42 -5.29
N SER A 270 16.86 -10.57 -4.48
CA SER A 270 18.06 -10.95 -3.74
C SER A 270 17.80 -12.14 -2.82
N ASP A 271 16.73 -12.08 -2.03
CA ASP A 271 16.40 -13.15 -1.08
C ASP A 271 16.22 -14.48 -1.80
N PHE A 272 15.54 -14.43 -2.95
CA PHE A 272 15.30 -15.63 -3.73
C PHE A 272 16.58 -16.21 -4.32
N ILE A 273 17.37 -15.35 -4.96
CA ILE A 273 18.58 -15.78 -5.65
C ILE A 273 19.64 -16.30 -4.67
N ILE A 274 19.75 -15.68 -3.51
CA ILE A 274 20.66 -16.18 -2.48
C ILE A 274 20.27 -17.59 -2.07
N VAL A 275 18.99 -17.80 -1.71
CA VAL A 275 18.52 -19.12 -1.32
C VAL A 275 18.65 -20.15 -2.44
N PHE A 276 18.29 -19.75 -3.66
CA PHE A 276 18.41 -20.60 -4.84
C PHE A 276 19.85 -21.09 -5.02
N SER A 277 20.80 -20.18 -4.87
CA SER A 277 22.21 -20.51 -5.04
C SER A 277 22.70 -21.52 -4.01
N ILE A 278 22.35 -21.30 -2.75
CA ILE A 278 22.71 -22.21 -1.68
C ILE A 278 22.06 -23.58 -1.89
N THR A 279 20.77 -23.58 -2.18
CA THR A 279 20.01 -24.80 -2.41
C THR A 279 20.59 -25.62 -3.56
N TYR A 280 20.89 -24.94 -4.67
CA TYR A 280 21.40 -25.62 -5.86
C TYR A 280 22.69 -26.40 -5.55
N VAL A 281 23.62 -25.75 -4.84
CA VAL A 281 24.86 -26.43 -4.46
C VAL A 281 24.57 -27.61 -3.54
N LEU A 282 23.74 -27.39 -2.53
CA LEU A 282 23.41 -28.43 -1.56
C LEU A 282 22.67 -29.62 -2.18
N SER A 283 21.89 -29.36 -3.22
CA SER A 283 21.07 -30.42 -3.83
C SER A 283 21.94 -31.53 -4.42
N ALA A 284 23.20 -31.20 -4.73
CA ALA A 284 24.15 -32.19 -5.24
C ALA A 284 24.48 -33.25 -4.20
N SER A 285 24.49 -32.86 -2.92
CA SER A 285 24.83 -33.78 -1.84
C SER A 285 23.58 -34.48 -1.27
N ASN A 286 22.42 -33.81 -1.34
CA ASN A 286 21.19 -34.40 -0.85
C ASN A 286 19.95 -33.67 -1.42
N PRO A 287 19.17 -34.37 -2.27
CA PRO A 287 18.01 -33.74 -2.91
C PRO A 287 16.95 -33.21 -1.95
N VAL A 288 16.96 -33.64 -0.69
CA VAL A 288 16.01 -33.15 0.30
C VAL A 288 16.13 -31.62 0.46
N TYR A 289 17.30 -31.08 0.13
CA TYR A 289 17.53 -29.66 0.32
C TYR A 289 16.74 -28.83 -0.68
N TRP A 290 16.28 -29.43 -1.78
CA TRP A 290 15.38 -28.74 -2.69
C TRP A 290 14.11 -28.34 -1.95
N ILE A 291 13.62 -29.26 -1.12
CA ILE A 291 12.40 -29.03 -0.35
C ILE A 291 12.60 -27.95 0.70
N ILE A 292 13.69 -28.06 1.45
CA ILE A 292 14.01 -27.08 2.49
C ILE A 292 14.28 -25.71 1.87
N GLY A 293 15.03 -25.69 0.76
CA GLY A 293 15.28 -24.46 0.03
C GLY A 293 14.01 -23.79 -0.47
N PHE A 294 13.13 -24.58 -1.06
CA PHE A 294 11.82 -24.11 -1.50
C PHE A 294 11.12 -23.40 -0.34
N LEU A 295 11.13 -24.04 0.82
CA LEU A 295 10.41 -23.56 1.98
C LEU A 295 11.10 -22.31 2.55
N ALA A 296 12.42 -22.26 2.47
CA ALA A 296 13.18 -21.09 2.92
C ALA A 296 12.93 -19.90 2.01
N ALA A 297 12.88 -20.14 0.71
CA ALA A 297 12.61 -19.07 -0.25
C ALA A 297 11.21 -18.51 -0.04
N PHE A 298 10.22 -19.41 0.05
CA PHE A 298 8.85 -19.00 0.27
C PHE A 298 8.69 -18.19 1.55
N ALA A 299 9.30 -18.69 2.62
CA ALA A 299 9.25 -18.01 3.89
C ALA A 299 9.79 -16.59 3.75
N SER A 300 10.96 -16.46 3.12
CA SER A 300 11.60 -15.16 2.97
C SER A 300 10.69 -14.20 2.22
N LEU A 301 10.11 -14.68 1.13
CA LEU A 301 9.22 -13.87 0.32
C LEU A 301 7.93 -13.53 1.06
N MET A 302 7.39 -14.48 1.82
CA MET A 302 6.13 -14.26 2.54
C MET A 302 6.24 -13.35 3.76
N ILE A 303 7.40 -13.32 4.42
CA ILE A 303 7.60 -12.33 5.49
C ILE A 303 7.49 -10.94 4.88
N ALA A 304 8.17 -10.75 3.76
CA ALA A 304 8.09 -9.46 3.07
C ALA A 304 6.68 -9.19 2.55
N TYR A 305 6.05 -10.19 1.94
CA TYR A 305 4.71 -9.98 1.39
C TYR A 305 3.68 -9.64 2.46
N THR A 306 3.69 -10.38 3.58
CA THR A 306 2.71 -10.12 4.63
C THR A 306 2.89 -8.70 5.17
N GLY A 307 4.14 -8.25 5.24
CA GLY A 307 4.42 -6.91 5.71
C GLY A 307 3.95 -5.84 4.74
N ASP A 308 4.31 -5.98 3.46
CA ASP A 308 3.94 -4.98 2.46
C ASP A 308 2.45 -5.04 2.11
N LYS A 309 1.86 -6.23 2.17
CA LYS A 309 0.43 -6.35 1.94
C LYS A 309 -0.34 -5.69 3.08
N PHE A 310 0.23 -5.71 4.28
CA PHE A 310 -0.36 -5.01 5.41
C PHE A 310 -0.44 -3.50 5.13
N VAL A 311 0.65 -2.92 4.66
CA VAL A 311 0.69 -1.50 4.34
C VAL A 311 -0.33 -1.18 3.24
N ALA A 312 -0.41 -2.05 2.25
CA ALA A 312 -1.35 -1.88 1.15
C ALA A 312 -2.80 -1.90 1.65
N ALA A 313 -3.11 -2.79 2.58
CA ALA A 313 -4.48 -3.00 3.02
C ALA A 313 -4.89 -2.09 4.17
N TYR A 314 -3.94 -1.76 5.05
CA TYR A 314 -4.24 -0.99 6.26
C TYR A 314 -3.73 0.46 6.16
N MET A 315 -2.85 0.71 5.22
CA MET A 315 -2.28 2.04 5.01
C MET A 315 -1.51 2.53 6.24
N ARG A 316 -0.89 1.60 6.96
CA ARG A 316 0.02 1.93 8.05
C ARG A 316 1.22 1.01 8.02
N THR A 317 2.32 1.45 8.60
CA THR A 317 3.50 0.61 8.76
C THR A 317 3.12 -0.62 9.58
N TYR A 318 3.66 -1.77 9.19
CA TYR A 318 3.47 -2.99 9.96
C TYR A 318 4.45 -3.03 11.14
N SER A 319 3.90 -3.14 12.34
CA SER A 319 4.69 -3.10 13.57
C SER A 319 3.99 -3.79 14.73
N PRO A 320 4.28 -5.09 14.97
CA PRO A 320 3.60 -5.80 16.06
C PRO A 320 3.92 -5.18 17.42
N GLU A 321 2.95 -5.18 18.32
CA GLU A 321 3.10 -4.54 19.63
C GLU A 321 3.73 -5.41 20.72
N GLY A 322 3.91 -6.70 20.45
CA GLY A 322 4.51 -7.61 21.41
C GLY A 322 5.50 -8.56 20.77
N PHE A 323 5.38 -9.83 21.11
CA PHE A 323 6.30 -10.83 20.62
C PHE A 323 6.13 -11.07 19.12
N ALA A 324 7.25 -11.31 18.46
CA ALA A 324 7.26 -11.73 17.07
C ALA A 324 8.57 -12.47 16.83
N ILE A 325 8.54 -13.47 15.97
CA ILE A 325 9.72 -14.22 15.66
C ILE A 325 10.67 -13.30 14.89
N PRO A 326 11.93 -13.15 15.36
CA PRO A 326 12.86 -12.25 14.68
C PRO A 326 13.42 -12.87 13.39
N ILE A 327 12.70 -12.65 12.29
CA ILE A 327 13.07 -13.27 11.04
C ILE A 327 12.74 -12.33 9.87
N THR A 328 12.73 -11.04 10.18
CA THR A 328 12.74 -10.00 9.15
C THR A 328 14.08 -10.04 8.41
N ARG A 329 14.21 -9.24 7.36
CA ARG A 329 15.34 -9.37 6.43
C ARG A 329 16.71 -9.25 7.10
N ASP A 330 16.87 -8.30 8.00
CA ASP A 330 18.14 -8.12 8.69
C ASP A 330 18.57 -9.37 9.45
N PHE A 331 17.61 -10.05 10.06
CA PHE A 331 17.89 -11.31 10.76
C PHE A 331 18.22 -12.44 9.79
N ARG A 332 17.46 -12.53 8.70
CA ARG A 332 17.69 -13.59 7.73
C ARG A 332 19.12 -13.53 7.17
N LEU A 333 19.58 -12.33 6.84
CA LEU A 333 20.90 -12.20 6.21
C LEU A 333 22.00 -12.44 7.23
N LEU A 334 21.78 -12.02 8.46
CA LEU A 334 22.72 -12.31 9.55
C LEU A 334 22.84 -13.82 9.79
N ILE A 335 21.71 -14.53 9.75
CA ILE A 335 21.71 -15.97 9.91
C ILE A 335 22.48 -16.65 8.78
N ILE A 336 22.27 -16.21 7.54
CA ILE A 336 23.02 -16.73 6.40
C ILE A 336 24.52 -16.46 6.58
N PHE A 337 24.86 -15.24 7.00
CA PHE A 337 26.26 -14.87 7.25
C PHE A 337 26.87 -15.78 8.33
N ALA A 338 26.20 -15.87 9.47
CA ALA A 338 26.73 -16.64 10.59
C ALA A 338 26.89 -18.12 10.25
N CYS A 339 25.91 -18.71 9.59
CA CYS A 339 26.01 -20.12 9.25
C CYS A 339 27.08 -20.36 8.19
N SER A 340 27.25 -19.40 7.28
CA SER A 340 28.27 -19.52 6.24
C SER A 340 29.70 -19.51 6.78
N VAL A 341 29.97 -18.75 7.84
CA VAL A 341 31.34 -18.67 8.34
C VAL A 341 31.80 -19.98 8.97
N VAL A 342 30.88 -20.84 9.40
CA VAL A 342 31.25 -22.18 9.84
C VAL A 342 30.91 -23.24 8.79
N ASN A 343 30.73 -22.80 7.55
CA ASN A 343 30.50 -23.67 6.41
C ASN A 343 29.23 -24.51 6.53
N LEU A 344 28.19 -23.95 7.13
CA LEU A 344 26.91 -24.64 7.24
C LEU A 344 25.77 -23.80 6.68
N PRO A 345 25.87 -23.35 5.42
CA PRO A 345 24.76 -22.58 4.85
C PRO A 345 23.44 -23.37 4.84
N SER A 346 23.53 -24.70 4.84
CA SER A 346 22.34 -25.55 4.93
C SER A 346 21.54 -25.27 6.19
N LEU A 347 22.23 -24.98 7.28
CA LEU A 347 21.56 -24.71 8.54
C LEU A 347 20.78 -23.40 8.44
N ALA A 348 21.33 -22.45 7.69
CA ALA A 348 20.64 -21.17 7.49
C ALA A 348 19.30 -21.40 6.80
N LEU A 349 19.26 -22.32 5.83
CA LEU A 349 18.01 -22.64 5.14
C LEU A 349 16.99 -23.28 6.07
N VAL A 350 17.45 -24.20 6.91
CA VAL A 350 16.55 -24.85 7.85
C VAL A 350 15.98 -23.82 8.81
N ILE A 351 16.83 -22.95 9.33
CA ILE A 351 16.39 -21.95 10.30
C ILE A 351 15.40 -20.97 9.67
N ILE A 352 15.70 -20.47 8.47
CA ILE A 352 14.80 -19.54 7.80
C ILE A 352 13.48 -20.23 7.44
N ALA A 353 13.56 -21.47 6.95
CA ALA A 353 12.34 -22.21 6.61
C ALA A 353 11.44 -22.39 7.84
N LEU A 354 12.03 -22.76 8.97
CA LEU A 354 11.26 -22.95 10.20
C LEU A 354 10.74 -21.65 10.81
N LEU A 355 11.64 -20.75 11.15
CA LEU A 355 11.23 -19.48 11.76
C LEU A 355 10.34 -18.65 10.85
N GLY A 356 10.68 -18.58 9.57
CA GLY A 356 9.93 -17.77 8.63
C GLY A 356 8.51 -18.26 8.41
N ASN A 357 8.33 -19.56 8.23
CA ASN A 357 6.99 -20.10 8.05
C ASN A 357 6.11 -20.04 9.30
N PHE A 358 6.71 -20.22 10.47
CA PHE A 358 5.96 -20.04 11.70
C PHE A 358 5.56 -18.58 11.91
N GLU A 359 6.47 -17.65 11.61
CA GLU A 359 6.16 -16.24 11.76
C GLU A 359 5.06 -15.79 10.81
N ALA A 360 5.07 -16.30 9.58
CA ALA A 360 4.02 -15.96 8.63
C ALA A 360 2.67 -16.41 9.19
N LEU A 361 2.63 -17.65 9.68
CA LEU A 361 1.42 -18.20 10.29
C LEU A 361 0.98 -17.39 11.51
N ARG A 362 1.94 -17.00 12.34
CA ARG A 362 1.64 -16.20 13.52
C ARG A 362 0.96 -14.90 13.11
N ARG A 363 1.48 -14.26 12.07
CA ARG A 363 0.94 -12.99 11.61
C ARG A 363 -0.50 -13.16 11.14
N ILE A 364 -0.79 -14.27 10.47
CA ILE A 364 -2.14 -14.55 10.00
C ILE A 364 -3.11 -14.61 11.19
N VAL A 365 -2.73 -15.36 12.22
CA VAL A 365 -3.57 -15.49 13.40
C VAL A 365 -3.68 -14.19 14.17
N ALA A 366 -2.56 -13.52 14.38
CA ALA A 366 -2.53 -12.31 15.19
C ALA A 366 -3.34 -11.17 14.59
N LEU A 367 -3.33 -11.04 13.26
CA LEU A 367 -3.97 -9.90 12.62
C LEU A 367 -5.49 -10.03 12.63
N ARG A 368 -5.99 -11.23 12.87
CA ARG A 368 -7.42 -11.47 12.93
C ARG A 368 -8.05 -10.54 13.98
N SER A 369 -7.25 -10.11 14.95
CA SER A 369 -7.68 -9.10 15.93
C SER A 369 -7.19 -7.71 15.54
N TYR A 370 -5.91 -7.58 15.23
CA TYR A 370 -5.31 -6.28 14.93
C TYR A 370 -5.93 -5.65 13.68
N MET B 29 -20.24 17.59 9.19
CA MET B 29 -21.36 16.65 8.95
C MET B 29 -22.07 16.97 7.63
N ARG B 30 -22.44 15.93 6.90
CA ARG B 30 -23.15 16.07 5.64
C ARG B 30 -24.42 15.25 5.71
N LEU B 31 -25.54 15.86 5.34
CA LEU B 31 -26.83 15.22 5.48
C LEU B 31 -27.40 14.76 4.15
N ALA B 32 -27.78 13.50 4.11
CA ALA B 32 -28.49 12.93 2.98
C ALA B 32 -29.95 12.71 3.37
N TYR B 33 -30.85 13.47 2.73
CA TYR B 33 -32.27 13.30 2.94
C TYR B 33 -32.89 12.41 1.87
N VAL B 34 -33.47 11.30 2.32
CA VAL B 34 -34.02 10.28 1.43
C VAL B 34 -35.50 10.13 1.69
N LYS B 35 -36.33 10.43 0.69
CA LYS B 35 -37.77 10.34 0.90
C LYS B 35 -38.19 8.87 0.95
N ASN B 36 -39.03 8.54 1.93
CA ASN B 36 -39.54 7.18 2.07
C ASN B 36 -40.36 6.69 0.89
N HIS B 37 -40.21 5.40 0.59
CA HIS B 37 -41.03 4.71 -0.40
C HIS B 37 -41.11 3.27 0.06
N GLU B 38 -42.28 2.65 -0.10
CA GLU B 38 -42.49 1.28 0.37
C GLU B 38 -41.55 0.29 -0.32
N ILE B 39 -41.08 0.64 -1.52
CA ILE B 39 -40.26 -0.28 -2.30
C ILE B 39 -38.89 -0.47 -1.64
N TYR B 40 -38.47 0.51 -0.83
CA TYR B 40 -37.21 0.38 -0.09
C TYR B 40 -37.28 -0.78 0.90
N GLY B 41 -38.48 -1.25 1.20
CA GLY B 41 -38.67 -2.34 2.14
C GLY B 41 -38.40 -3.71 1.54
N GLU B 42 -38.30 -3.75 0.22
CA GLU B 42 -38.06 -5.01 -0.48
C GLU B 42 -36.59 -5.43 -0.34
N LYS B 43 -36.37 -6.73 -0.22
CA LYS B 43 -35.03 -7.28 -0.09
C LYS B 43 -34.42 -7.53 -1.46
N LEU B 44 -33.18 -7.08 -1.65
CA LEU B 44 -32.43 -7.37 -2.86
C LEU B 44 -31.07 -7.98 -2.52
N LEU B 45 -30.93 -9.27 -2.79
CA LEU B 45 -29.68 -9.98 -2.54
C LEU B 45 -29.18 -9.80 -1.11
N GLY B 46 -30.04 -10.11 -0.14
CA GLY B 46 -29.64 -10.21 1.25
C GLY B 46 -29.81 -8.97 2.11
N LEU B 47 -30.13 -7.85 1.48
CA LEU B 47 -30.31 -6.58 2.19
C LEU B 47 -31.52 -5.84 1.65
N THR B 48 -32.21 -5.07 2.50
CA THR B 48 -33.30 -4.24 1.99
C THR B 48 -32.72 -3.11 1.15
N LEU B 49 -33.50 -2.60 0.21
CA LEU B 49 -33.06 -1.49 -0.61
C LEU B 49 -32.86 -0.26 0.27
N ARG B 50 -33.57 -0.22 1.38
CA ARG B 50 -33.36 0.80 2.39
C ARG B 50 -31.95 0.79 3.00
N GLU B 51 -31.50 -0.35 3.48
CA GLU B 51 -30.14 -0.41 4.05
C GLU B 51 -29.09 -0.23 2.95
N ARG B 52 -29.39 -0.65 1.73
CA ARG B 52 -28.44 -0.45 0.64
C ARG B 52 -28.19 1.04 0.38
N ILE B 53 -29.23 1.85 0.23
CA ILE B 53 -29.00 3.27 0.01
C ILE B 53 -28.40 3.89 1.26
N GLU B 54 -28.84 3.46 2.44
CA GLU B 54 -28.28 3.98 3.68
C GLU B 54 -26.77 3.71 3.74
N LYS B 55 -26.36 2.47 3.51
CA LYS B 55 -24.96 2.11 3.64
C LYS B 55 -24.08 2.74 2.57
N THR B 56 -24.60 2.85 1.35
CA THR B 56 -23.86 3.52 0.29
C THR B 56 -23.62 4.99 0.63
N LEU B 57 -24.65 5.66 1.13
CA LEU B 57 -24.53 7.08 1.44
C LEU B 57 -23.65 7.31 2.66
N GLN B 58 -23.69 6.37 3.61
CA GLN B 58 -22.80 6.46 4.77
C GLN B 58 -21.35 6.31 4.32
N ARG B 59 -21.08 5.31 3.50
CA ARG B 59 -19.74 5.12 2.91
C ARG B 59 -19.27 6.39 2.21
N ALA B 60 -20.22 7.11 1.61
CA ALA B 60 -19.90 8.35 0.90
C ALA B 60 -19.75 9.51 1.87
N GLY B 61 -19.94 9.26 3.16
CA GLY B 61 -19.68 10.25 4.19
C GLY B 61 -20.89 11.08 4.58
N PHE B 62 -22.09 10.56 4.34
CA PHE B 62 -23.31 11.27 4.70
C PHE B 62 -24.01 10.63 5.90
N ASP B 63 -24.57 11.48 6.75
CA ASP B 63 -25.56 11.03 7.73
C ASP B 63 -26.91 11.00 7.03
N VAL B 64 -27.63 9.90 7.20
CA VAL B 64 -28.84 9.67 6.45
C VAL B 64 -30.08 10.02 7.27
N ARG B 65 -31.05 10.64 6.59
CA ARG B 65 -32.35 10.92 7.18
C ARG B 65 -33.44 10.51 6.22
N PHE B 66 -34.20 9.49 6.58
CA PHE B 66 -35.38 9.12 5.83
C PHE B 66 -36.54 10.02 6.29
N PHE B 67 -37.40 10.42 5.35
CA PHE B 67 -38.48 11.36 5.67
C PHE B 67 -39.74 11.19 4.83
N ASP B 68 -40.87 11.54 5.43
CA ASP B 68 -42.12 11.71 4.72
C ASP B 68 -42.28 13.20 4.44
N GLU B 69 -42.16 13.98 5.51
CA GLU B 69 -42.07 15.43 5.42
C GLU B 69 -40.68 15.86 5.87
N LEU B 70 -40.02 16.70 5.08
CA LEU B 70 -38.66 17.11 5.39
C LEU B 70 -38.61 18.21 6.44
N SER B 71 -37.79 17.98 7.46
CA SER B 71 -37.45 19.00 8.44
C SER B 71 -35.95 19.22 8.36
N LEU B 72 -35.53 20.42 8.00
CA LEU B 72 -34.13 20.68 7.68
C LEU B 72 -33.28 20.92 8.92
N GLU B 73 -32.17 20.20 9.01
CA GLU B 73 -31.20 20.36 10.08
C GLU B 73 -29.94 20.96 9.49
N GLU B 74 -29.04 21.46 10.34
CA GLU B 74 -27.85 22.14 9.85
C GLU B 74 -26.76 21.16 9.41
N ALA B 75 -26.12 21.49 8.30
CA ALA B 75 -25.01 20.71 7.76
C ALA B 75 -24.28 21.54 6.70
N GLU B 76 -23.08 21.10 6.33
CA GLU B 76 -22.34 21.78 5.28
C GLU B 76 -22.97 21.52 3.92
N ASP B 77 -23.46 20.30 3.73
CA ASP B 77 -23.95 19.84 2.43
C ASP B 77 -25.29 19.15 2.59
N TYR B 78 -26.11 19.24 1.55
CA TYR B 78 -27.38 18.53 1.51
C TYR B 78 -27.51 17.69 0.25
N LEU B 79 -27.83 16.42 0.45
CA LEU B 79 -28.19 15.52 -0.64
C LEU B 79 -29.65 15.16 -0.46
N ILE B 80 -30.45 15.36 -1.50
CA ILE B 80 -31.89 15.07 -1.44
C ILE B 80 -32.26 14.09 -2.54
N ILE B 81 -32.93 13.01 -2.14
CA ILE B 81 -33.31 11.93 -3.04
C ILE B 81 -34.81 11.68 -2.89
N LEU B 82 -35.58 12.03 -3.92
CA LEU B 82 -37.03 12.00 -3.83
C LEU B 82 -37.63 10.70 -4.36
N GLU B 83 -37.05 10.17 -5.43
CA GLU B 83 -37.58 8.95 -6.05
C GLU B 83 -36.74 7.75 -5.60
N PRO B 84 -37.37 6.58 -5.47
CA PRO B 84 -36.63 5.39 -5.01
C PRO B 84 -35.56 4.97 -6.00
N VAL B 85 -34.32 4.85 -5.52
CA VAL B 85 -33.19 4.52 -6.38
C VAL B 85 -32.25 3.50 -5.73
N LEU B 86 -31.60 2.69 -6.56
CA LEU B 86 -30.48 1.86 -6.16
C LEU B 86 -29.20 2.45 -6.71
N ILE B 87 -28.31 2.85 -5.83
CA ILE B 87 -27.02 3.40 -6.24
C ILE B 87 -26.07 2.23 -6.47
N LEU B 88 -25.48 2.18 -7.67
CA LEU B 88 -24.65 1.07 -8.09
C LEU B 88 -23.17 1.41 -8.05
N GLU B 89 -22.85 2.70 -8.19
CA GLU B 89 -21.48 3.19 -8.11
C GLU B 89 -20.88 2.92 -6.73
N ARG B 90 -19.57 2.65 -6.67
CA ARG B 90 -18.93 2.19 -5.42
C ARG B 90 -18.24 3.32 -4.65
N ASP B 91 -17.73 4.32 -5.36
CA ASP B 91 -16.95 5.40 -4.73
C ASP B 91 -17.53 6.77 -5.02
N LEU B 92 -18.79 6.98 -4.68
CA LEU B 92 -19.44 8.24 -4.98
C LEU B 92 -18.73 9.41 -4.30
N LEU B 93 -18.46 10.45 -5.08
CA LEU B 93 -17.79 11.65 -4.59
C LEU B 93 -18.60 12.87 -5.00
N LEU B 94 -18.95 13.71 -4.01
CA LEU B 94 -19.80 14.87 -4.25
C LEU B 94 -19.17 16.18 -3.79
N GLU B 95 -18.59 16.91 -4.75
CA GLU B 95 -17.93 18.18 -4.49
C GLU B 95 -18.53 19.31 -5.35
N GLY B 96 -19.21 20.26 -4.72
CA GLY B 96 -19.80 21.38 -5.44
C GLY B 96 -21.22 21.13 -5.88
N ARG B 97 -21.98 22.22 -6.03
CA ARG B 97 -23.39 22.12 -6.43
C ARG B 97 -23.58 21.32 -7.71
N LYS B 98 -24.47 20.33 -7.67
CA LYS B 98 -24.76 19.50 -8.85
C LYS B 98 -26.15 18.88 -8.76
N ILE B 99 -26.69 18.53 -9.92
CA ILE B 99 -27.86 17.65 -10.00
C ILE B 99 -27.34 16.28 -10.42
N LEU B 100 -27.74 15.25 -9.69
CA LEU B 100 -27.28 13.90 -9.98
C LEU B 100 -28.25 13.23 -10.92
N VAL B 101 -27.73 12.70 -12.02
CA VAL B 101 -28.55 12.07 -13.03
C VAL B 101 -28.04 10.68 -13.41
N SER B 102 -28.97 9.84 -13.85
CA SER B 102 -28.66 8.52 -14.39
C SER B 102 -29.38 8.35 -15.71
N ASP B 103 -28.63 8.32 -16.81
CA ASP B 103 -29.20 8.26 -18.14
C ASP B 103 -30.24 9.38 -18.30
N GLY B 104 -29.83 10.60 -18.03
CA GLY B 104 -30.68 11.76 -18.21
C GLY B 104 -31.71 12.00 -17.13
N PHE B 105 -32.04 10.95 -16.37
CA PHE B 105 -33.04 11.06 -15.31
C PHE B 105 -32.46 11.58 -14.01
N THR B 106 -33.15 12.53 -13.39
CA THR B 106 -32.67 13.12 -12.14
C THR B 106 -32.76 12.09 -11.01
N VAL B 107 -31.62 11.81 -10.39
CA VAL B 107 -31.54 10.84 -9.31
C VAL B 107 -31.73 11.53 -7.97
N GLY B 108 -31.08 12.68 -7.83
CA GLY B 108 -31.17 13.44 -6.61
C GLY B 108 -30.58 14.82 -6.79
N TYR B 109 -30.72 15.64 -5.76
CA TYR B 109 -30.21 17.00 -5.76
C TYR B 109 -29.11 17.13 -4.73
N PHE B 110 -27.97 17.67 -5.15
CA PHE B 110 -26.88 17.96 -4.24
C PHE B 110 -26.74 19.47 -4.10
N PHE B 111 -27.34 20.02 -3.04
CA PHE B 111 -27.37 21.46 -2.79
C PHE B 111 -26.33 21.87 -1.76
N GLY B 112 -25.94 23.13 -1.78
CA GLY B 112 -25.01 23.68 -0.80
C GLY B 112 -25.71 23.98 0.51
N GLY B 113 -24.93 24.36 1.51
CA GLY B 113 -25.46 24.73 2.81
C GLY B 113 -26.45 25.88 2.73
N ASP B 114 -26.24 26.75 1.74
CA ASP B 114 -27.09 27.93 1.56
C ASP B 114 -28.55 27.57 1.25
N PHE B 115 -28.84 26.29 1.06
CA PHE B 115 -30.21 25.82 0.88
C PHE B 115 -31.06 26.20 2.08
N ARG B 116 -30.42 26.36 3.23
CA ARG B 116 -31.10 26.81 4.44
C ARG B 116 -31.76 28.17 4.23
N THR B 117 -31.06 29.08 3.56
CA THR B 117 -31.56 30.43 3.36
C THR B 117 -32.79 30.44 2.47
N VAL B 118 -33.03 29.33 1.78
CA VAL B 118 -34.13 29.22 0.83
C VAL B 118 -35.31 28.42 1.38
N PHE B 119 -35.02 27.44 2.23
CA PHE B 119 -36.03 26.46 2.62
C PHE B 119 -37.14 27.10 3.46
N ASP B 120 -38.38 26.93 3.01
CA ASP B 120 -39.54 27.59 3.62
C ASP B 120 -40.52 26.61 4.27
N GLY B 121 -40.10 25.36 4.44
CA GLY B 121 -40.93 24.35 5.07
C GLY B 121 -41.71 23.48 4.10
N ASN B 122 -41.83 23.93 2.85
CA ASN B 122 -42.39 23.11 1.78
C ASN B 122 -41.28 22.67 0.83
N LEU B 123 -41.06 21.37 0.75
CA LEU B 123 -39.95 20.83 -0.03
C LEU B 123 -40.09 21.16 -1.53
N GLN B 124 -41.26 20.84 -2.08
CA GLN B 124 -41.52 21.06 -3.50
C GLN B 124 -41.19 22.49 -3.91
N SER B 125 -41.79 23.44 -3.21
CA SER B 125 -41.57 24.86 -3.44
C SER B 125 -40.12 25.29 -3.24
N SER B 126 -39.48 24.78 -2.20
CA SER B 126 -38.12 25.22 -1.84
C SER B 126 -37.11 24.75 -2.88
N ILE B 127 -37.32 23.55 -3.42
CA ILE B 127 -36.48 23.05 -4.49
C ILE B 127 -36.66 23.90 -5.74
N GLU B 128 -37.92 24.21 -6.08
CA GLU B 128 -38.22 25.04 -7.23
C GLU B 128 -37.47 26.36 -7.13
N LYS B 129 -37.56 26.99 -5.96
CA LYS B 129 -36.90 28.28 -5.73
C LYS B 129 -35.37 28.15 -5.82
N TYR B 130 -34.82 27.12 -5.19
CA TYR B 130 -33.37 26.96 -5.18
C TYR B 130 -32.83 26.73 -6.58
N LEU B 131 -33.58 25.98 -7.39
CA LEU B 131 -33.17 25.71 -8.77
C LEU B 131 -33.27 26.94 -9.65
N SER B 132 -34.18 27.86 -9.31
CA SER B 132 -34.34 29.08 -10.08
C SER B 132 -33.21 30.08 -9.78
N LEU B 133 -32.68 30.01 -8.56
CA LEU B 133 -31.61 30.90 -8.14
C LEU B 133 -30.24 30.40 -8.59
N ASN B 134 -30.16 29.11 -8.92
CA ASN B 134 -28.89 28.47 -9.25
C ASN B 134 -28.93 27.88 -10.65
N ASN B 135 -27.76 27.66 -11.25
CA ASN B 135 -27.68 26.96 -12.52
C ASN B 135 -26.85 25.69 -12.36
N LEU B 136 -27.48 24.67 -11.81
CA LEU B 136 -26.80 23.42 -11.47
C LEU B 136 -26.44 22.61 -12.71
N GLU B 137 -25.16 22.23 -12.80
CA GLU B 137 -24.73 21.31 -13.83
C GLU B 137 -25.23 19.91 -13.46
N SER B 138 -25.50 19.10 -14.48
CA SER B 138 -25.91 17.72 -14.23
C SER B 138 -24.67 16.85 -14.10
N TYR B 139 -24.76 15.83 -13.23
CA TYR B 139 -23.64 14.95 -12.93
C TYR B 139 -24.06 13.50 -13.00
N GLU B 140 -23.36 12.73 -13.83
CA GLU B 140 -23.74 11.35 -14.11
C GLU B 140 -23.24 10.40 -13.03
N ILE B 141 -24.15 9.66 -12.41
CA ILE B 141 -23.77 8.61 -11.48
C ILE B 141 -24.43 7.31 -11.92
N TRP B 142 -23.79 6.20 -11.61
CA TRP B 142 -24.35 4.91 -11.95
C TRP B 142 -25.42 4.54 -10.92
N ALA B 143 -26.66 4.53 -11.36
CA ALA B 143 -27.79 4.24 -10.48
C ALA B 143 -28.95 3.75 -11.31
N ILE B 144 -29.93 3.11 -10.66
CA ILE B 144 -31.14 2.69 -11.34
C ILE B 144 -32.36 3.05 -10.50
N LYS B 145 -33.32 3.72 -11.13
CA LYS B 145 -34.53 4.13 -10.45
C LYS B 145 -35.39 2.91 -10.22
N LEU B 146 -35.82 2.73 -8.98
CA LEU B 146 -36.49 1.51 -8.58
C LEU B 146 -37.98 1.59 -8.84
N SER B 147 -38.53 0.51 -9.37
CA SER B 147 -39.96 0.36 -9.52
C SER B 147 -40.31 -1.08 -9.21
N ASN B 148 -41.59 -1.31 -8.95
CA ASN B 148 -42.07 -2.65 -8.65
C ASN B 148 -41.86 -3.57 -9.85
N ASP B 149 -41.69 -2.95 -11.02
CA ASP B 149 -41.55 -3.66 -12.29
C ASP B 149 -40.16 -4.28 -12.51
N ASN B 150 -39.11 -3.50 -12.22
CA ASN B 150 -37.77 -3.82 -12.71
C ASN B 150 -36.75 -4.32 -11.67
N LEU B 151 -37.21 -5.02 -10.64
CA LEU B 151 -36.30 -5.51 -9.61
C LEU B 151 -35.39 -6.63 -10.10
N LYS B 152 -35.88 -7.42 -11.07
CA LYS B 152 -35.04 -8.43 -11.69
C LYS B 152 -33.85 -7.76 -12.37
N THR B 153 -34.14 -6.64 -13.03
CA THR B 153 -33.10 -5.86 -13.70
C THR B 153 -32.15 -5.19 -12.70
N ALA B 154 -32.69 -4.72 -11.59
CA ALA B 154 -31.88 -4.13 -10.54
C ALA B 154 -30.90 -5.18 -10.01
N GLU B 155 -31.37 -6.40 -9.83
CA GLU B 155 -30.54 -7.49 -9.33
C GLU B 155 -29.38 -7.77 -10.27
N LYS B 156 -29.67 -7.87 -11.56
CA LYS B 156 -28.66 -8.16 -12.56
C LYS B 156 -27.59 -7.07 -12.57
N LEU B 157 -28.03 -5.82 -12.54
CA LEU B 157 -27.11 -4.68 -12.54
C LEU B 157 -26.28 -4.60 -11.24
N LEU B 158 -26.91 -4.92 -10.11
CA LEU B 158 -26.19 -4.89 -8.85
C LEU B 158 -25.05 -5.92 -8.87
N LEU B 159 -25.35 -7.12 -9.35
CA LEU B 159 -24.33 -8.16 -9.48
C LEU B 159 -23.19 -7.72 -10.40
N SER B 160 -23.54 -7.09 -11.53
CA SER B 160 -22.53 -6.62 -12.47
C SER B 160 -21.63 -5.55 -11.85
N SER B 161 -22.13 -4.85 -10.83
CA SER B 161 -21.35 -3.78 -10.20
C SER B 161 -20.32 -4.32 -9.22
N LEU B 162 -20.33 -5.64 -9.01
CA LEU B 162 -19.43 -6.28 -8.03
C LEU B 162 -18.06 -6.65 -8.59
N ILE B 163 -17.90 -6.62 -9.91
CA ILE B 163 -16.62 -7.00 -10.51
C ILE B 163 -15.56 -5.97 -10.14
N LYS B 164 -14.30 -6.39 -10.13
CA LYS B 164 -13.19 -5.47 -9.92
C LYS B 164 -12.81 -4.80 -11.24
N ALA B 165 -13.51 -3.71 -11.56
CA ALA B 165 -13.24 -2.94 -12.76
C ALA B 165 -13.46 -1.46 -12.45
N LYS B 166 -12.62 -0.60 -13.02
CA LYS B 166 -12.70 0.83 -12.75
C LYS B 166 -14.09 1.39 -13.06
N ARG B 167 -14.79 0.74 -13.98
CA ARG B 167 -16.12 1.18 -14.40
C ARG B 167 -17.13 1.25 -13.24
N THR B 168 -16.91 0.44 -12.20
CA THR B 168 -17.86 0.36 -11.09
C THR B 168 -17.63 1.46 -10.06
N GLY B 169 -16.46 2.11 -10.13
CA GLY B 169 -16.07 3.09 -9.14
C GLY B 169 -15.21 2.51 -8.03
N LEU B 170 -15.03 1.19 -8.06
CA LEU B 170 -14.20 0.51 -7.07
C LEU B 170 -12.75 1.00 -7.17
N LYS B 171 -12.06 0.94 -6.03
CA LYS B 171 -10.68 1.41 -5.92
C LYS B 171 -9.89 0.34 -5.16
N PRO B 172 -9.63 -0.80 -5.83
CA PRO B 172 -8.96 -1.95 -5.21
C PRO B 172 -7.44 -1.88 -5.37
N ALA B 173 -6.73 -2.90 -4.90
CA ALA B 173 -5.29 -2.99 -5.10
C ALA B 173 -4.98 -3.10 -6.60
N TYR B 174 -5.76 -3.92 -7.30
CA TYR B 174 -5.71 -3.97 -8.76
C TYR B 174 -6.98 -4.60 -9.32
N TYR B 175 -7.21 -4.42 -10.61
CA TYR B 175 -8.46 -4.84 -11.24
C TYR B 175 -8.38 -6.24 -11.83
N ASP B 176 -9.52 -6.77 -12.25
CA ASP B 176 -9.60 -8.12 -12.82
C ASP B 176 -8.89 -8.18 -14.16
N GLY B 177 -8.19 -9.29 -14.42
CA GLY B 177 -7.57 -9.47 -15.71
C GLY B 177 -8.65 -9.90 -16.69
N TRP B 178 -8.30 -10.16 -17.94
CA TRP B 178 -9.28 -10.48 -18.97
C TRP B 178 -10.01 -11.81 -18.74
N ILE B 179 -9.29 -12.82 -18.28
CA ILE B 179 -9.91 -14.12 -17.99
C ILE B 179 -10.91 -13.98 -16.84
N ALA B 180 -10.51 -13.26 -15.79
CA ALA B 180 -11.40 -13.03 -14.67
C ALA B 180 -12.69 -12.37 -15.16
N ARG B 181 -12.54 -11.32 -15.97
CA ARG B 181 -13.68 -10.52 -16.43
C ARG B 181 -14.65 -11.27 -17.33
N GLU B 182 -14.11 -12.04 -18.28
CA GLU B 182 -14.93 -12.62 -19.35
C GLU B 182 -15.29 -14.08 -19.13
N ILE B 183 -14.54 -14.76 -18.27
CA ILE B 183 -14.83 -16.14 -17.96
C ILE B 183 -15.27 -16.31 -16.52
N ASN B 184 -14.38 -16.01 -15.58
CA ASN B 184 -14.61 -16.37 -14.19
C ASN B 184 -15.75 -15.63 -13.50
N ARG B 185 -15.85 -14.31 -13.68
CA ARG B 185 -16.92 -13.53 -13.04
C ARG B 185 -18.31 -13.96 -13.51
N LYS B 186 -18.42 -14.43 -14.75
CA LYS B 186 -19.69 -14.90 -15.27
C LYS B 186 -20.25 -16.02 -14.41
N VAL B 187 -19.35 -16.89 -13.93
CA VAL B 187 -19.75 -18.01 -13.09
C VAL B 187 -19.88 -17.62 -11.62
N SER B 188 -18.89 -16.90 -11.10
CA SER B 188 -18.88 -16.60 -9.66
C SER B 188 -20.04 -15.69 -9.25
N LEU B 189 -20.40 -14.74 -10.11
CA LEU B 189 -21.55 -13.88 -9.81
C LEU B 189 -22.83 -14.68 -9.62
N ARG B 190 -22.98 -15.77 -10.36
CA ARG B 190 -24.14 -16.64 -10.22
C ARG B 190 -24.09 -17.42 -8.91
N ILE B 191 -22.88 -17.73 -8.46
CA ILE B 191 -22.71 -18.40 -7.16
C ILE B 191 -22.99 -17.42 -6.04
N SER B 192 -22.48 -16.20 -6.18
CA SER B 192 -22.65 -15.18 -5.16
C SER B 192 -24.12 -14.82 -4.99
N ARG B 193 -24.85 -14.81 -6.10
CA ARG B 193 -26.28 -14.57 -6.06
C ARG B 193 -26.98 -15.54 -5.11
N LEU B 194 -26.58 -16.81 -5.16
CA LEU B 194 -27.15 -17.84 -4.29
C LEU B 194 -26.64 -17.70 -2.85
N LEU B 195 -25.39 -17.31 -2.67
CA LEU B 195 -24.81 -17.14 -1.33
C LEU B 195 -25.32 -15.89 -0.61
N ALA B 196 -25.82 -14.92 -1.38
CA ALA B 196 -26.25 -13.65 -0.80
C ALA B 196 -27.39 -13.84 0.21
N ASP B 197 -28.17 -14.89 0.02
CA ASP B 197 -29.29 -15.20 0.90
C ASP B 197 -28.92 -16.15 2.05
N THR B 198 -27.63 -16.26 2.34
CA THR B 198 -27.16 -17.08 3.46
C THR B 198 -26.38 -16.23 4.45
N SER B 199 -25.90 -16.88 5.52
CA SER B 199 -25.09 -16.22 6.52
C SER B 199 -23.60 -16.33 6.22
N VAL B 200 -23.27 -16.84 5.03
CA VAL B 200 -21.88 -17.03 4.66
C VAL B 200 -21.15 -15.68 4.56
N THR B 201 -19.97 -15.62 5.16
CA THR B 201 -19.16 -14.40 5.16
C THR B 201 -18.04 -14.46 4.13
N PRO B 202 -17.48 -13.29 3.78
CA PRO B 202 -16.32 -13.27 2.88
C PRO B 202 -15.13 -14.06 3.37
N ASN B 203 -14.80 -13.94 4.65
CA ASN B 203 -13.66 -14.65 5.21
C ASN B 203 -13.82 -16.16 5.10
N GLN B 204 -15.04 -16.64 5.30
CA GLN B 204 -15.35 -18.06 5.14
C GLN B 204 -15.11 -18.51 3.71
N ILE B 205 -15.54 -17.71 2.73
CA ILE B 205 -15.32 -18.05 1.34
C ILE B 205 -13.83 -18.08 1.01
N THR B 206 -13.10 -17.09 1.51
CA THR B 206 -11.66 -17.00 1.32
C THR B 206 -10.96 -18.26 1.84
N VAL B 207 -11.35 -18.72 3.02
CA VAL B 207 -10.75 -19.91 3.60
C VAL B 207 -11.16 -21.16 2.83
N PHE B 208 -12.43 -21.24 2.46
CA PHE B 208 -12.89 -22.38 1.69
C PHE B 208 -12.18 -22.45 0.36
N SER B 209 -12.01 -21.31 -0.30
CA SER B 209 -11.29 -21.26 -1.56
C SER B 209 -9.86 -21.74 -1.40
N PHE B 210 -9.19 -21.29 -0.33
CA PHE B 210 -7.84 -21.73 -0.06
C PHE B 210 -7.80 -23.25 0.09
N PHE B 211 -8.75 -23.80 0.82
CA PHE B 211 -8.83 -25.24 1.02
C PHE B 211 -8.96 -25.97 -0.31
N LEU B 212 -9.76 -25.45 -1.23
CA LEU B 212 -9.89 -26.06 -2.55
C LEU B 212 -8.56 -26.15 -3.28
N SER B 213 -7.72 -25.13 -3.13
CA SER B 213 -6.42 -25.13 -3.78
C SER B 213 -5.56 -26.24 -3.18
N LEU B 214 -5.78 -26.53 -1.90
CA LEU B 214 -5.05 -27.62 -1.26
C LEU B 214 -5.51 -28.99 -1.78
N VAL B 215 -6.81 -29.12 -2.02
CA VAL B 215 -7.36 -30.34 -2.60
C VAL B 215 -6.76 -30.56 -3.99
N GLY B 216 -6.72 -29.51 -4.79
CA GLY B 216 -6.15 -29.59 -6.11
C GLY B 216 -4.68 -30.00 -6.08
N SER B 217 -3.93 -29.37 -5.18
CA SER B 217 -2.51 -29.68 -5.02
C SER B 217 -2.29 -31.13 -4.61
N ALA B 218 -3.11 -31.63 -3.68
CA ALA B 218 -3.00 -33.02 -3.24
C ALA B 218 -3.25 -33.97 -4.41
N LEU B 219 -4.19 -33.61 -5.28
CA LEU B 219 -4.51 -34.46 -6.42
C LEU B 219 -3.33 -34.58 -7.39
N PHE B 220 -2.59 -33.50 -7.57
CA PHE B 220 -1.37 -33.56 -8.38
C PHE B 220 -0.41 -34.63 -7.84
N LEU B 221 -0.30 -34.74 -6.52
CA LEU B 221 0.65 -35.66 -5.89
C LEU B 221 0.35 -37.12 -6.19
N LEU B 222 -0.88 -37.43 -6.58
CA LEU B 222 -1.26 -38.82 -6.84
C LEU B 222 -0.70 -39.32 -8.16
N ASN B 223 -0.23 -38.40 -8.99
CA ASN B 223 0.59 -38.74 -10.15
C ASN B 223 -0.08 -39.71 -11.13
N SER B 224 -1.25 -39.33 -11.64
CA SER B 224 -1.93 -40.09 -12.68
C SER B 224 -2.73 -39.12 -13.53
N TYR B 225 -3.08 -39.52 -14.76
CA TYR B 225 -3.79 -38.60 -15.63
C TYR B 225 -5.12 -38.19 -15.01
N LEU B 226 -5.86 -39.17 -14.50
CA LEU B 226 -7.18 -38.92 -13.93
C LEU B 226 -7.14 -37.85 -12.83
N THR B 227 -6.21 -37.99 -11.89
CA THR B 227 -6.16 -37.08 -10.76
C THR B 227 -5.51 -35.74 -11.16
N THR B 228 -4.68 -35.76 -12.19
CA THR B 228 -4.10 -34.55 -12.74
C THR B 228 -5.17 -33.74 -13.46
N LEU B 229 -6.02 -34.42 -14.20
CA LEU B 229 -7.18 -33.81 -14.84
C LEU B 229 -8.09 -33.20 -13.78
N LEU B 230 -8.37 -33.98 -12.73
CA LEU B 230 -9.20 -33.50 -11.65
C LEU B 230 -8.54 -32.32 -10.95
N ALA B 231 -7.23 -32.37 -10.76
CA ALA B 231 -6.50 -31.29 -10.11
C ALA B 231 -6.66 -29.99 -10.88
N GLY B 232 -6.50 -30.07 -12.20
CA GLY B 232 -6.66 -28.92 -13.06
C GLY B 232 -8.05 -28.32 -12.95
N VAL B 233 -9.06 -29.18 -12.99
CA VAL B 233 -10.46 -28.74 -12.88
C VAL B 233 -10.68 -28.02 -11.55
N ILE B 234 -10.20 -28.62 -10.47
CA ILE B 234 -10.40 -28.04 -9.14
C ILE B 234 -9.63 -26.73 -8.99
N ILE B 235 -8.48 -26.61 -9.65
CA ILE B 235 -7.71 -25.36 -9.60
C ILE B 235 -8.48 -24.24 -10.32
N GLN B 236 -9.13 -24.55 -11.43
CA GLN B 236 -9.92 -23.54 -12.14
C GLN B 236 -11.18 -23.21 -11.33
N LEU B 237 -11.76 -24.21 -10.67
CA LEU B 237 -12.87 -23.97 -9.75
C LEU B 237 -12.45 -23.02 -8.63
N HIS B 238 -11.28 -23.28 -8.07
CA HIS B 238 -10.69 -22.42 -7.05
C HIS B 238 -10.55 -20.99 -7.54
N SER B 239 -10.04 -20.85 -8.76
CA SER B 239 -9.89 -19.54 -9.37
C SER B 239 -11.22 -18.79 -9.44
N ILE B 240 -12.27 -19.51 -9.86
CA ILE B 240 -13.62 -18.95 -9.93
C ILE B 240 -14.16 -18.56 -8.56
N ILE B 241 -14.13 -19.51 -7.63
CA ILE B 241 -14.74 -19.29 -6.31
C ILE B 241 -13.99 -18.21 -5.53
N ASP B 242 -12.69 -18.07 -5.80
CA ASP B 242 -11.90 -17.03 -5.16
C ASP B 242 -12.41 -15.62 -5.50
N GLY B 243 -13.22 -15.50 -6.54
CA GLY B 243 -13.88 -14.23 -6.81
C GLY B 243 -15.12 -13.99 -5.96
N CYS B 244 -15.68 -15.05 -5.36
CA CYS B 244 -16.92 -14.90 -4.60
C CYS B 244 -16.75 -14.17 -3.26
N ASP B 245 -15.57 -14.28 -2.66
CA ASP B 245 -15.35 -13.65 -1.36
C ASP B 245 -15.41 -12.13 -1.51
N GLY B 246 -14.78 -11.60 -2.56
CA GLY B 246 -14.83 -10.18 -2.80
C GLY B 246 -16.21 -9.72 -3.23
N GLU B 247 -16.87 -10.52 -4.06
CA GLU B 247 -18.21 -10.20 -4.51
C GLU B 247 -19.19 -10.09 -3.35
N ILE B 248 -19.19 -11.07 -2.46
CA ILE B 248 -20.06 -11.06 -1.30
C ILE B 248 -19.70 -9.89 -0.37
N ALA B 249 -18.41 -9.61 -0.25
CA ALA B 249 -17.96 -8.50 0.59
C ALA B 249 -18.56 -7.19 0.13
N ARG B 250 -18.49 -6.94 -1.17
CA ARG B 250 -19.00 -5.70 -1.73
C ARG B 250 -20.53 -5.72 -1.75
N LEU B 251 -21.11 -6.89 -1.99
CA LEU B 251 -22.55 -7.02 -2.13
C LEU B 251 -23.28 -6.79 -0.80
N LYS B 252 -22.67 -7.22 0.31
CA LYS B 252 -23.33 -7.06 1.61
C LYS B 252 -22.61 -6.05 2.52
N PHE B 253 -21.71 -5.27 1.93
CA PHE B 253 -20.95 -4.26 2.69
C PHE B 253 -20.22 -4.89 3.86
N MET B 254 -19.55 -6.01 3.59
CA MET B 254 -18.80 -6.74 4.60
C MET B 254 -17.32 -6.72 4.27
N GLU B 255 -16.87 -5.71 3.52
CA GLU B 255 -15.45 -5.57 3.23
C GLU B 255 -14.69 -5.26 4.52
N SER B 256 -13.47 -5.77 4.64
CA SER B 256 -12.64 -5.45 5.79
C SER B 256 -11.17 -5.40 5.36
N LYS B 257 -10.38 -4.67 6.13
CA LYS B 257 -8.95 -4.60 5.89
C LYS B 257 -8.32 -5.99 6.02
N TYR B 258 -8.69 -6.70 7.08
CA TYR B 258 -8.16 -8.04 7.30
C TYR B 258 -8.57 -9.00 6.19
N GLY B 259 -9.81 -8.89 5.73
CA GLY B 259 -10.30 -9.72 4.64
C GLY B 259 -9.49 -9.53 3.37
N ALA B 260 -9.16 -8.27 3.03
CA ALA B 260 -8.35 -8.00 1.85
C ALA B 260 -6.93 -8.53 2.01
N TRP B 261 -6.38 -8.36 3.20
CA TRP B 261 -5.05 -8.85 3.51
C TRP B 261 -5.00 -10.38 3.43
N LEU B 262 -5.95 -11.04 4.09
CA LEU B 262 -5.98 -12.51 4.15
C LEU B 262 -6.15 -13.11 2.75
N ASP B 263 -7.03 -12.52 1.95
CA ASP B 263 -7.30 -13.04 0.62
C ASP B 263 -6.02 -13.03 -0.21
N GLY B 264 -5.29 -11.91 -0.17
CA GLY B 264 -4.01 -11.81 -0.85
C GLY B 264 -2.97 -12.79 -0.33
N VAL B 265 -2.85 -12.89 0.99
CA VAL B 265 -1.89 -13.78 1.62
C VAL B 265 -2.15 -15.24 1.26
N LEU B 266 -3.40 -15.70 1.40
CA LEU B 266 -3.69 -17.10 1.09
C LEU B 266 -3.57 -17.40 -0.41
N ASP B 267 -3.80 -16.41 -1.25
CA ASP B 267 -3.61 -16.63 -2.69
C ASP B 267 -2.13 -16.88 -3.00
N ARG B 268 -1.24 -16.21 -2.27
CA ARG B 268 0.19 -16.47 -2.37
C ARG B 268 0.54 -17.89 -1.91
N TYR B 269 -0.03 -18.32 -0.78
CA TYR B 269 0.16 -19.69 -0.32
C TYR B 269 -0.32 -20.68 -1.36
N SER B 270 -1.49 -20.43 -1.93
CA SER B 270 -2.07 -21.32 -2.94
C SER B 270 -1.15 -21.43 -4.16
N ASP B 271 -0.70 -20.28 -4.67
CA ASP B 271 0.14 -20.26 -5.87
C ASP B 271 1.43 -21.04 -5.66
N PHE B 272 2.03 -20.87 -4.49
CA PHE B 272 3.25 -21.58 -4.13
C PHE B 272 3.03 -23.09 -3.98
N ILE B 273 2.01 -23.47 -3.22
CA ILE B 273 1.72 -24.86 -2.95
C ILE B 273 1.32 -25.62 -4.21
N ILE B 274 0.56 -24.99 -5.10
CA ILE B 274 0.22 -25.63 -6.37
C ILE B 274 1.48 -25.96 -7.19
N VAL B 275 2.35 -24.97 -7.35
CA VAL B 275 3.61 -25.16 -8.08
C VAL B 275 4.51 -26.19 -7.39
N PHE B 276 4.59 -26.11 -6.07
CA PHE B 276 5.39 -27.04 -5.28
C PHE B 276 4.98 -28.49 -5.56
N SER B 277 3.68 -28.73 -5.57
CA SER B 277 3.14 -30.07 -5.79
C SER B 277 3.45 -30.60 -7.17
N ILE B 278 3.24 -29.78 -8.19
CA ILE B 278 3.53 -30.17 -9.57
C ILE B 278 5.03 -30.44 -9.72
N THR B 279 5.84 -29.52 -9.21
CA THR B 279 7.29 -29.65 -9.26
C THR B 279 7.80 -30.92 -8.57
N TYR B 280 7.26 -31.18 -7.38
CA TYR B 280 7.68 -32.34 -6.61
C TYR B 280 7.46 -33.65 -7.36
N VAL B 281 6.29 -33.81 -7.98
CA VAL B 281 6.00 -34.99 -8.76
C VAL B 281 6.93 -35.10 -9.97
N LEU B 282 7.09 -34.00 -10.70
CA LEU B 282 7.93 -33.98 -11.90
C LEU B 282 9.41 -34.25 -11.61
N SER B 283 9.87 -33.85 -10.41
CA SER B 283 11.29 -33.97 -10.07
C SER B 283 11.76 -35.42 -10.04
N ALA B 284 10.83 -36.34 -9.80
CA ALA B 284 11.14 -37.76 -9.78
C ALA B 284 11.60 -38.22 -11.16
N SER B 285 11.04 -37.59 -12.20
CA SER B 285 11.35 -37.94 -13.58
C SER B 285 12.54 -37.15 -14.14
N ASN B 286 12.74 -35.93 -13.64
CA ASN B 286 13.86 -35.12 -14.09
C ASN B 286 14.13 -33.96 -13.12
N PRO B 287 15.28 -34.00 -12.41
CA PRO B 287 15.57 -32.97 -11.41
C PRO B 287 15.65 -31.54 -11.96
N VAL B 288 15.75 -31.39 -13.28
CA VAL B 288 15.77 -30.06 -13.89
C VAL B 288 14.50 -29.28 -13.57
N TYR B 289 13.42 -30.01 -13.25
CA TYR B 289 12.15 -29.37 -12.99
C TYR B 289 12.12 -28.62 -11.66
N TRP B 290 13.05 -28.94 -10.75
CA TRP B 290 13.20 -28.16 -9.52
C TRP B 290 13.53 -26.70 -9.86
N ILE B 291 14.39 -26.53 -10.85
CA ILE B 291 14.80 -25.20 -11.30
C ILE B 291 13.64 -24.46 -11.94
N ILE B 292 12.92 -25.15 -12.83
CA ILE B 292 11.77 -24.54 -13.49
C ILE B 292 10.66 -24.24 -12.47
N GLY B 293 10.44 -25.17 -11.55
CA GLY B 293 9.48 -24.97 -10.48
C GLY B 293 9.80 -23.78 -9.61
N PHE B 294 11.05 -23.68 -9.17
CA PHE B 294 11.54 -22.52 -8.39
C PHE B 294 11.20 -21.21 -9.11
N LEU B 295 11.47 -21.18 -10.40
CA LEU B 295 11.30 -19.96 -11.18
C LEU B 295 9.81 -19.63 -11.39
N ALA B 296 8.99 -20.65 -11.55
CA ALA B 296 7.55 -20.47 -11.71
C ALA B 296 6.92 -19.97 -10.41
N ALA B 297 7.35 -20.53 -9.29
CA ALA B 297 6.85 -20.10 -7.98
C ALA B 297 7.27 -18.66 -7.71
N PHE B 298 8.54 -18.36 -7.96
CA PHE B 298 9.03 -16.99 -7.80
C PHE B 298 8.25 -16.01 -8.68
N ALA B 299 8.07 -16.35 -9.94
CA ALA B 299 7.34 -15.49 -10.85
C ALA B 299 5.93 -15.22 -10.34
N SER B 300 5.23 -16.28 -9.93
CA SER B 300 3.85 -16.14 -9.45
C SER B 300 3.78 -15.20 -8.26
N LEU B 301 4.68 -15.39 -7.30
CA LEU B 301 4.68 -14.56 -6.11
C LEU B 301 5.06 -13.10 -6.47
N MET B 302 6.00 -12.91 -7.39
CA MET B 302 6.47 -11.58 -7.75
C MET B 302 5.48 -10.76 -8.59
N ILE B 303 4.64 -11.43 -9.38
CA ILE B 303 3.57 -10.69 -10.07
C ILE B 303 2.65 -10.07 -9.01
N ALA B 304 2.29 -10.85 -8.00
CA ALA B 304 1.47 -10.32 -6.92
C ALA B 304 2.23 -9.26 -6.12
N TYR B 305 3.48 -9.55 -5.77
CA TYR B 305 4.26 -8.62 -4.95
C TYR B 305 4.48 -7.28 -5.63
N THR B 306 4.81 -7.27 -6.92
CA THR B 306 5.07 -6.00 -7.60
C THR B 306 3.82 -5.13 -7.58
N GLY B 307 2.65 -5.76 -7.70
CA GLY B 307 1.38 -5.04 -7.65
C GLY B 307 1.06 -4.48 -6.27
N ASP B 308 1.18 -5.33 -5.26
CA ASP B 308 0.85 -4.91 -3.90
C ASP B 308 1.88 -3.92 -3.36
N LYS B 309 3.15 -4.07 -3.75
CA LYS B 309 4.17 -3.12 -3.30
C LYS B 309 3.94 -1.75 -3.96
N PHE B 310 3.38 -1.76 -5.16
CA PHE B 310 3.00 -0.51 -5.81
C PHE B 310 1.94 0.20 -4.97
N VAL B 311 0.91 -0.54 -4.56
CA VAL B 311 -0.14 0.04 -3.74
C VAL B 311 0.45 0.54 -2.42
N ALA B 312 1.36 -0.24 -1.85
CA ALA B 312 2.01 0.15 -0.59
C ALA B 312 2.81 1.44 -0.71
N ALA B 313 3.54 1.60 -1.82
CA ALA B 313 4.44 2.72 -1.99
C ALA B 313 3.76 3.95 -2.61
N TYR B 314 2.75 3.73 -3.45
CA TYR B 314 2.10 4.82 -4.18
C TYR B 314 0.73 5.20 -3.61
N MET B 315 0.15 4.32 -2.80
CA MET B 315 -1.16 4.57 -2.18
C MET B 315 -2.25 4.76 -3.23
N ARG B 316 -2.12 4.09 -4.37
CA ARG B 316 -3.18 4.05 -5.37
C ARG B 316 -3.24 2.68 -6.02
N THR B 317 -4.38 2.39 -6.65
CA THR B 317 -4.56 1.14 -7.36
C THR B 317 -3.47 0.93 -8.38
N TYR B 318 -2.98 -0.31 -8.46
CA TYR B 318 -2.06 -0.68 -9.51
C TYR B 318 -2.86 -1.00 -10.76
N SER B 319 -2.65 -0.24 -11.83
CA SER B 319 -3.36 -0.46 -13.08
C SER B 319 -2.60 0.18 -14.23
N PRO B 320 -1.64 -0.56 -14.81
CA PRO B 320 -0.82 -0.03 -15.91
C PRO B 320 -1.59 0.17 -17.20
N GLU B 321 -1.25 1.22 -17.94
CA GLU B 321 -1.86 1.47 -19.24
C GLU B 321 -1.06 0.73 -20.31
N GLY B 322 -1.73 0.36 -21.39
CA GLY B 322 -1.09 -0.27 -22.53
C GLY B 322 -0.62 -1.70 -22.38
N PHE B 323 0.56 -1.98 -22.92
CA PHE B 323 1.04 -3.35 -23.02
C PHE B 323 1.41 -3.94 -21.66
N ALA B 324 0.99 -5.18 -21.45
CA ALA B 324 1.42 -5.95 -20.30
C ALA B 324 1.19 -7.41 -20.63
N ILE B 325 2.09 -8.27 -20.18
CA ILE B 325 1.93 -9.69 -20.42
C ILE B 325 0.80 -10.23 -19.54
N PRO B 326 -0.16 -10.96 -20.15
CA PRO B 326 -1.27 -11.50 -19.37
C PRO B 326 -0.85 -12.73 -18.56
N ILE B 327 -0.37 -12.48 -17.34
CA ILE B 327 0.14 -13.58 -16.51
C ILE B 327 -0.21 -13.26 -15.06
N THR B 328 -1.28 -12.49 -14.90
CA THR B 328 -1.92 -12.33 -13.60
C THR B 328 -2.57 -13.66 -13.19
N ARG B 329 -3.07 -13.70 -11.96
CA ARG B 329 -3.51 -14.94 -11.35
C ARG B 329 -4.57 -15.69 -12.16
N ASP B 330 -5.53 -14.96 -12.73
CA ASP B 330 -6.58 -15.59 -13.53
C ASP B 330 -5.98 -16.33 -14.73
N PHE B 331 -4.96 -15.76 -15.35
CA PHE B 331 -4.25 -16.43 -16.46
C PHE B 331 -3.42 -17.62 -15.98
N ARG B 332 -2.70 -17.44 -14.88
CA ARG B 332 -1.84 -18.51 -14.38
C ARG B 332 -2.64 -19.78 -14.08
N LEU B 333 -3.78 -19.61 -13.41
CA LEU B 333 -4.57 -20.77 -13.00
C LEU B 333 -5.26 -21.40 -14.20
N LEU B 334 -5.70 -20.58 -15.15
CA LEU B 334 -6.27 -21.12 -16.38
C LEU B 334 -5.23 -21.95 -17.14
N ILE B 335 -4.00 -21.45 -17.18
CA ILE B 335 -2.90 -22.15 -17.83
C ILE B 335 -2.62 -23.49 -17.15
N ILE B 336 -2.61 -23.50 -15.82
CA ILE B 336 -2.43 -24.73 -15.07
C ILE B 336 -3.57 -25.72 -15.40
N PHE B 337 -4.79 -25.23 -15.44
CA PHE B 337 -5.95 -26.03 -15.79
C PHE B 337 -5.80 -26.66 -17.17
N ALA B 338 -5.54 -25.82 -18.17
CA ALA B 338 -5.47 -26.26 -19.56
C ALA B 338 -4.33 -27.26 -19.78
N CYS B 339 -3.16 -26.99 -19.19
CA CYS B 339 -2.03 -27.88 -19.35
C CYS B 339 -2.28 -29.21 -18.64
N SER B 340 -2.99 -29.14 -17.51
CA SER B 340 -3.33 -30.34 -16.76
C SER B 340 -4.30 -31.26 -17.50
N VAL B 341 -5.27 -30.70 -18.20
CA VAL B 341 -6.25 -31.55 -18.89
C VAL B 341 -5.62 -32.29 -20.09
N VAL B 342 -4.50 -31.78 -20.62
CA VAL B 342 -3.76 -32.53 -21.64
C VAL B 342 -2.55 -33.26 -21.02
N ASN B 343 -2.57 -33.38 -19.69
CA ASN B 343 -1.57 -34.15 -18.95
C ASN B 343 -0.13 -33.61 -19.09
N LEU B 344 0.01 -32.30 -19.26
CA LEU B 344 1.33 -31.66 -19.34
C LEU B 344 1.46 -30.55 -18.31
N PRO B 345 1.29 -30.87 -17.02
CA PRO B 345 1.44 -29.82 -16.00
C PRO B 345 2.83 -29.18 -16.04
N SER B 346 3.82 -29.91 -16.55
CA SER B 346 5.17 -29.39 -16.71
C SER B 346 5.18 -28.16 -17.60
N LEU B 347 4.33 -28.17 -18.62
CA LEU B 347 4.26 -27.07 -19.56
C LEU B 347 3.75 -25.80 -18.89
N ALA B 348 2.83 -25.96 -17.95
CA ALA B 348 2.30 -24.81 -17.21
C ALA B 348 3.43 -24.13 -16.43
N LEU B 349 4.32 -24.93 -15.85
CA LEU B 349 5.45 -24.38 -15.10
C LEU B 349 6.37 -23.59 -16.01
N VAL B 350 6.60 -24.14 -17.21
CA VAL B 350 7.45 -23.49 -18.20
C VAL B 350 6.87 -22.14 -18.62
N ILE B 351 5.57 -22.12 -18.92
CA ILE B 351 4.92 -20.90 -19.38
C ILE B 351 4.92 -19.83 -18.29
N ILE B 352 4.54 -20.22 -17.08
CA ILE B 352 4.49 -19.27 -15.98
C ILE B 352 5.90 -18.75 -15.66
N ALA B 353 6.89 -19.63 -15.65
CA ALA B 353 8.27 -19.22 -15.38
C ALA B 353 8.76 -18.20 -16.41
N LEU B 354 8.47 -18.46 -17.68
CA LEU B 354 8.89 -17.58 -18.76
C LEU B 354 8.12 -16.26 -18.79
N LEU B 355 6.80 -16.36 -18.94
CA LEU B 355 5.94 -15.19 -19.02
C LEU B 355 5.98 -14.37 -17.73
N GLY B 356 5.94 -15.05 -16.60
CA GLY B 356 5.91 -14.38 -15.31
C GLY B 356 7.19 -13.63 -14.99
N ASN B 357 8.33 -14.25 -15.24
CA ASN B 357 9.59 -13.56 -14.99
C ASN B 357 9.86 -12.42 -15.97
N PHE B 358 9.43 -12.55 -17.22
CA PHE B 358 9.55 -11.43 -18.14
C PHE B 358 8.65 -10.27 -17.71
N GLU B 359 7.43 -10.56 -17.29
CA GLU B 359 6.52 -9.49 -16.87
C GLU B 359 7.05 -8.77 -15.64
N ALA B 360 7.60 -9.50 -14.68
CA ALA B 360 8.14 -8.83 -13.49
C ALA B 360 9.26 -7.86 -13.89
N LEU B 361 10.18 -8.31 -14.73
CA LEU B 361 11.26 -7.43 -15.20
C LEU B 361 10.73 -6.23 -15.98
N ARG B 362 9.72 -6.48 -16.81
CA ARG B 362 9.10 -5.41 -17.57
C ARG B 362 8.51 -4.36 -16.65
N ARG B 363 7.87 -4.80 -15.57
CA ARG B 363 7.25 -3.88 -14.63
C ARG B 363 8.30 -2.98 -14.00
N ILE B 364 9.47 -3.53 -13.72
CA ILE B 364 10.57 -2.74 -13.14
C ILE B 364 10.95 -1.61 -14.10
N VAL B 365 11.14 -1.94 -15.38
CA VAL B 365 11.53 -0.95 -16.38
C VAL B 365 10.42 0.07 -16.62
N ALA B 366 9.20 -0.39 -16.80
CA ALA B 366 8.08 0.48 -17.15
C ALA B 366 7.77 1.49 -16.04
N LEU B 367 7.91 1.07 -14.79
CA LEU B 367 7.52 1.92 -13.68
C LEU B 367 8.50 3.06 -13.40
N ARG B 368 9.72 2.93 -13.91
CA ARG B 368 10.72 3.98 -13.72
C ARG B 368 10.23 5.31 -14.27
N SER B 369 9.39 5.24 -15.31
CA SER B 369 8.73 6.41 -15.87
C SER B 369 7.29 6.51 -15.39
#